data_7Q5A
# 
_entry.id   7Q5A 
# 
_audit_conform.dict_name       mmcif_pdbx.dic 
_audit_conform.dict_version    5.398 
_audit_conform.dict_location   http://mmcif.pdb.org/dictionaries/ascii/mmcif_pdbx.dic 
# 
loop_
_database_2.database_id 
_database_2.database_code 
_database_2.pdbx_database_accession 
_database_2.pdbx_DOI 
PDB   7Q5A         pdb_00007q5a 10.2210/pdb7q5a/pdb 
WWPDB D_1292118996 ?            ?                   
EMDB  EMD-13830    ?            ?                   
# 
loop_
_pdbx_audit_revision_history.ordinal 
_pdbx_audit_revision_history.data_content_type 
_pdbx_audit_revision_history.major_revision 
_pdbx_audit_revision_history.minor_revision 
_pdbx_audit_revision_history.revision_date 
1 'Structure model' 1 0 2022-04-06 
2 'Structure model' 1 1 2024-11-13 
# 
_pdbx_audit_revision_details.ordinal             1 
_pdbx_audit_revision_details.revision_ordinal    1 
_pdbx_audit_revision_details.data_content_type   'Structure model' 
_pdbx_audit_revision_details.provider            repository 
_pdbx_audit_revision_details.type                'Initial release' 
_pdbx_audit_revision_details.description         ? 
_pdbx_audit_revision_details.details             ? 
# 
loop_
_pdbx_audit_revision_group.ordinal 
_pdbx_audit_revision_group.revision_ordinal 
_pdbx_audit_revision_group.data_content_type 
_pdbx_audit_revision_group.group 
1 2 'Structure model' 'Data collection'   
2 2 'Structure model' 'Structure summary' 
# 
loop_
_pdbx_audit_revision_category.ordinal 
_pdbx_audit_revision_category.revision_ordinal 
_pdbx_audit_revision_category.data_content_type 
_pdbx_audit_revision_category.category 
1 2 'Structure model' chem_comp_atom            
2 2 'Structure model' chem_comp_bond            
3 2 'Structure model' em_admin                  
4 2 'Structure model' pdbx_entry_details        
5 2 'Structure model' pdbx_modification_feature 
# 
loop_
_pdbx_audit_revision_item.ordinal 
_pdbx_audit_revision_item.revision_ordinal 
_pdbx_audit_revision_item.data_content_type 
_pdbx_audit_revision_item.item 
1 2 'Structure model' '_em_admin.last_update'                        
2 2 'Structure model' '_pdbx_entry_details.has_protein_modification' 
# 
_pdbx_database_status.status_code                     REL 
_pdbx_database_status.status_code_sf                  ? 
_pdbx_database_status.status_code_mr                  ? 
_pdbx_database_status.entry_id                        7Q5A 
_pdbx_database_status.recvd_initial_deposition_date   2021-11-03 
_pdbx_database_status.SG_entry                        N 
_pdbx_database_status.deposit_site                    PDBE 
_pdbx_database_status.process_site                    PDBE 
_pdbx_database_status.status_code_cs                  ? 
_pdbx_database_status.status_code_nmr_data            ? 
_pdbx_database_status.methods_development_category    ? 
_pdbx_database_status.pdb_format_compatible           Y 
# 
_pdbx_database_related.db_name        EMDB 
_pdbx_database_related.details        'Lanreotide nanotube' 
_pdbx_database_related.db_id          EMD-13830 
_pdbx_database_related.content_type   'associated EM volume' 
# 
loop_
_pdbx_contact_author.id 
_pdbx_contact_author.email 
_pdbx_contact_author.name_first 
_pdbx_contact_author.name_last 
_pdbx_contact_author.name_mi 
_pdbx_contact_author.role 
_pdbx_contact_author.identifier_ORCID 
3 maite.paternostre@i2bc.paris-saclay.fr    Maite    Paternostre ?  'principal investigator/group leader' 0000-0002-3303-8959 
4 stephane.bressanelli@i2bc.paris-saclay.fr Stephane Bressanelli ?  'principal investigator/group leader' 0000-0002-0921-6727 
5 egelman@virginia.edu                      Edward   Egelman     H. 'principal investigator/group leader' 0000-0003-4844-5212 
# 
loop_
_audit_author.name 
_audit_author.pdbx_ordinal 
_audit_author.identifier_ORCID 
'Pieri, L.'       1 0000-0003-0779-9014 
'Wang, F.'        2 0000-0003-1008-663X 
'Arteni, A.A.'    3 0000-0001-6462-905X 
'Bressanelli, S.' 4 0000-0002-0921-6727 
'Egelman, E.H.'   5 0000-0003-4844-5212 
'Paternostre, M.' 6 0000-0002-3303-8959 
# 
_citation.abstract                  ? 
_citation.abstract_id_CAS           ? 
_citation.book_id_ISBN              ? 
_citation.book_publisher            ? 
_citation.book_publisher_city       ? 
_citation.book_title                ? 
_citation.coordinate_linkage        ? 
_citation.country                   US 
_citation.database_id_Medline       ? 
_citation.details                   ? 
_citation.id                        primary 
_citation.journal_abbrev            Proc.Natl.Acad.Sci.USA 
_citation.journal_id_ASTM           PNASA6 
_citation.journal_id_CSD            0040 
_citation.journal_id_ISSN           1091-6490 
_citation.journal_full              ? 
_citation.journal_issue             ? 
_citation.journal_volume            119 
_citation.language                  ? 
_citation.page_first                ? 
_citation.page_last                 ? 
_citation.title                     'Atomic structure of Lanreotide nanotubes revealed by cryo-EM.' 
_citation.year                      2022 
_citation.database_id_CSD           ? 
_citation.pdbx_database_id_DOI      10.1073/pnas.2120346119 
_citation.pdbx_database_id_PubMed   35042822 
_citation.pdbx_database_id_patent   ? 
_citation.unpublished_flag          ? 
# 
loop_
_citation_author.citation_id 
_citation_author.name 
_citation_author.ordinal 
_citation_author.identifier_ORCID 
primary 'Pieri, L.'       1  0000-0003-0779-9014 
primary 'Wang, F.'        2  0000-0003-1008-663X 
primary 'Arteni, A.A.'    3  0000-0001-6462-905X 
primary 'Vos, M.'         4  0000-0002-6046-9949 
primary 'Winter, J.M.'    5  ?                   
primary 'Le Du, M.H.'     6  ?                   
primary 'Artzner, F.'     7  0000-0002-5613-576X 
primary 'Gobeaux, F.'     8  0000-0003-4410-2378 
primary 'Legrand, P.'     9  0000-0003-2431-2255 
primary 'Boulard, Y.'     10 0000-0002-2857-1732 
primary 'Bressanelli, S.' 11 0000-0002-0921-6727 
primary 'Egelman, E.H.'   12 0000-0003-4844-5212 
primary 'Paternostre, M.' 13 0000-0002-3303-8959 
# 
_entity.id                         1 
_entity.type                       polymer 
_entity.src_method                 syn 
_entity.pdbx_description           Lanreotide 
_entity.formula_weight             1098.339 
_entity.pdbx_number_of_molecules   8 
_entity.pdbx_ec                    ? 
_entity.pdbx_mutation              ? 
_entity.pdbx_fragment              ? 
_entity.details                    ? 
# 
_entity_poly.entity_id                      1 
_entity_poly.type                           'polypeptide(L)' 
_entity_poly.nstd_linkage                   no 
_entity_poly.nstd_monomer                   yes 
_entity_poly.pdbx_seq_one_letter_code       '(4J2)CY(DTR)KVCT(NH2)' 
_entity_poly.pdbx_seq_one_letter_code_can   XCYWKVCTX 
_entity_poly.pdbx_strand_id                 A,B,C,D,E,F,G,H 
_entity_poly.pdbx_target_identifier         ? 
# 
loop_
_entity_poly_seq.entity_id 
_entity_poly_seq.num 
_entity_poly_seq.mon_id 
_entity_poly_seq.hetero 
1 1 4J2 n 
1 2 CYS n 
1 3 TYR n 
1 4 DTR n 
1 5 LYS n 
1 6 VAL n 
1 7 CYS n 
1 8 THR n 
1 9 NH2 n 
# 
_pdbx_entity_src_syn.entity_id              1 
_pdbx_entity_src_syn.pdbx_src_id            1 
_pdbx_entity_src_syn.pdbx_alt_source_flag   sample 
_pdbx_entity_src_syn.pdbx_beg_seq_num       1 
_pdbx_entity_src_syn.pdbx_end_seq_num       9 
_pdbx_entity_src_syn.organism_scientific    'Homo sapiens' 
_pdbx_entity_src_syn.organism_common_name   ? 
_pdbx_entity_src_syn.ncbi_taxonomy_id       9606 
_pdbx_entity_src_syn.details                ? 
# 
loop_
_chem_comp.id 
_chem_comp.type 
_chem_comp.mon_nstd_flag 
_chem_comp.name 
_chem_comp.pdbx_synonyms 
_chem_comp.formula 
_chem_comp.formula_weight 
4J2 'D-peptide linking' . '(2R)-2-amino-3-(naphthalen-2-yl)propanoic acid' ? 'C13 H13 N O2'   215.248 
CYS 'L-peptide linking' y CYSTEINE                                         ? 'C3 H7 N O2 S'   121.158 
DTR 'D-peptide linking' . D-TRYPTOPHAN                                     ? 'C11 H12 N2 O2'  204.225 
LYS 'L-peptide linking' y LYSINE                                           ? 'C6 H15 N2 O2 1' 147.195 
NH2 non-polymer         . 'AMINO GROUP'                                    ? 'H2 N'           16.023  
THR 'L-peptide linking' y THREONINE                                        ? 'C4 H9 N O3'     119.119 
TYR 'L-peptide linking' y TYROSINE                                         ? 'C9 H11 N O3'    181.189 
VAL 'L-peptide linking' y VALINE                                           ? 'C5 H11 N O2'    117.146 
# 
loop_
_pdbx_poly_seq_scheme.asym_id 
_pdbx_poly_seq_scheme.entity_id 
_pdbx_poly_seq_scheme.seq_id 
_pdbx_poly_seq_scheme.mon_id 
_pdbx_poly_seq_scheme.ndb_seq_num 
_pdbx_poly_seq_scheme.pdb_seq_num 
_pdbx_poly_seq_scheme.auth_seq_num 
_pdbx_poly_seq_scheme.pdb_mon_id 
_pdbx_poly_seq_scheme.auth_mon_id 
_pdbx_poly_seq_scheme.pdb_strand_id 
_pdbx_poly_seq_scheme.pdb_ins_code 
_pdbx_poly_seq_scheme.hetero 
A 1 1 4J2 1 1   1   4J2 NAH A . n 
A 1 2 CYS 2 2   2   CYS CYS A . n 
A 1 3 TYR 3 3   3   TYR TYR A . n 
A 1 4 DTR 4 4   4   DTR DTR A . n 
A 1 5 LYS 5 5   5   LYS LYS A . n 
A 1 6 VAL 6 6   6   VAL VAL A . n 
A 1 7 CYS 7 7   7   CYS CYS A . n 
A 1 8 THR 8 8   8   THR THR A . n 
A 1 9 NH2 9 9   9   NH2 NH2 A . n 
B 1 1 4J2 1 101 101 4J2 NAH B . n 
B 1 2 CYS 2 102 102 CYS CYS B . n 
B 1 3 TYR 3 103 103 TYR TYR B . n 
B 1 4 DTR 4 104 104 DTR DTR B . n 
B 1 5 LYS 5 105 105 LYS LYS B . n 
B 1 6 VAL 6 106 106 VAL VAL B . n 
B 1 7 CYS 7 107 107 CYS CYS B . n 
B 1 8 THR 8 108 108 THR THR B . n 
B 1 9 NH2 9 109 109 NH2 NH2 B . n 
C 1 1 4J2 1 201 201 4J2 NAH C . n 
C 1 2 CYS 2 202 202 CYS CYS C . n 
C 1 3 TYR 3 203 203 TYR TYR C . n 
C 1 4 DTR 4 204 204 DTR DTR C . n 
C 1 5 LYS 5 205 205 LYS LYS C . n 
C 1 6 VAL 6 206 206 VAL VAL C . n 
C 1 7 CYS 7 207 207 CYS CYS C . n 
C 1 8 THR 8 208 208 THR THR C . n 
C 1 9 NH2 9 209 209 NH2 NH2 C . n 
D 1 1 4J2 1 301 301 4J2 NAH D . n 
D 1 2 CYS 2 302 302 CYS CYS D . n 
D 1 3 TYR 3 303 303 TYR TYR D . n 
D 1 4 DTR 4 304 304 DTR DTR D . n 
D 1 5 LYS 5 305 305 LYS LYS D . n 
D 1 6 VAL 6 306 306 VAL VAL D . n 
D 1 7 CYS 7 307 307 CYS CYS D . n 
D 1 8 THR 8 308 308 THR THR D . n 
D 1 9 NH2 9 309 309 NH2 NH2 D . n 
E 1 1 4J2 1 401 401 4J2 NAH E . n 
E 1 2 CYS 2 402 402 CYS CYS E . n 
E 1 3 TYR 3 403 403 TYR TYR E . n 
E 1 4 DTR 4 404 404 DTR DTR E . n 
E 1 5 LYS 5 405 405 LYS LYS E . n 
E 1 6 VAL 6 406 406 VAL VAL E . n 
E 1 7 CYS 7 407 407 CYS CYS E . n 
E 1 8 THR 8 408 408 THR THR E . n 
E 1 9 NH2 9 409 409 NH2 NH2 E . n 
F 1 1 4J2 1 501 501 4J2 NAH F . n 
F 1 2 CYS 2 502 502 CYS CYS F . n 
F 1 3 TYR 3 503 503 TYR TYR F . n 
F 1 4 DTR 4 504 504 DTR DTR F . n 
F 1 5 LYS 5 505 505 LYS LYS F . n 
F 1 6 VAL 6 506 506 VAL VAL F . n 
F 1 7 CYS 7 507 507 CYS CYS F . n 
F 1 8 THR 8 508 508 THR THR F . n 
F 1 9 NH2 9 509 509 NH2 NH2 F . n 
G 1 1 4J2 1 601 601 4J2 NAH G . n 
G 1 2 CYS 2 602 602 CYS CYS G . n 
G 1 3 TYR 3 603 603 TYR TYR G . n 
G 1 4 DTR 4 604 604 DTR DTR G . n 
G 1 5 LYS 5 605 605 LYS LYS G . n 
G 1 6 VAL 6 606 606 VAL VAL G . n 
G 1 7 CYS 7 607 607 CYS CYS G . n 
G 1 8 THR 8 608 608 THR THR G . n 
G 1 9 NH2 9 609 609 NH2 NH2 G . n 
H 1 1 4J2 1 701 701 4J2 NAH H . n 
H 1 2 CYS 2 702 702 CYS CYS H . n 
H 1 3 TYR 3 703 703 TYR TYR H . n 
H 1 4 DTR 4 704 704 DTR DTR H . n 
H 1 5 LYS 5 705 705 LYS LYS H . n 
H 1 6 VAL 6 706 706 VAL VAL H . n 
H 1 7 CYS 7 707 707 CYS CYS H . n 
H 1 8 THR 8 708 708 THR THR H . n 
H 1 9 NH2 9 709 709 NH2 NH2 H . n 
# 
_software.citation_id            ? 
_software.classification         refinement 
_software.compiler_name          ? 
_software.compiler_version       ? 
_software.contact_author         ? 
_software.contact_author_email   ? 
_software.date                   ? 
_software.description            ? 
_software.dependencies           ? 
_software.hardware               ? 
_software.language               ? 
_software.location               ? 
_software.mods                   ? 
_software.name                   PHENIX 
_software.os                     ? 
_software.os_version             ? 
_software.type                   ? 
_software.version                1.19.2_4158: 
_software.pdbx_ordinal           1 
# 
_cell.angle_alpha                  90.00 
_cell.angle_alpha_esd              ? 
_cell.angle_beta                   90.00 
_cell.angle_beta_esd               ? 
_cell.angle_gamma                  90.00 
_cell.angle_gamma_esd              ? 
_cell.entry_id                     7Q5A 
_cell.details                      ? 
_cell.formula_units_Z              ? 
_cell.length_a                     1.00 
_cell.length_a_esd                 ? 
_cell.length_b                     1.00 
_cell.length_b_esd                 ? 
_cell.length_c                     1.00 
_cell.length_c_esd                 ? 
_cell.volume                       ? 
_cell.volume_esd                   ? 
_cell.Z_PDB                        ? 
_cell.reciprocal_angle_alpha       ? 
_cell.reciprocal_angle_beta        ? 
_cell.reciprocal_angle_gamma       ? 
_cell.reciprocal_angle_alpha_esd   ? 
_cell.reciprocal_angle_beta_esd    ? 
_cell.reciprocal_angle_gamma_esd   ? 
_cell.reciprocal_length_a          ? 
_cell.reciprocal_length_b          ? 
_cell.reciprocal_length_c          ? 
_cell.reciprocal_length_a_esd      ? 
_cell.reciprocal_length_b_esd      ? 
_cell.reciprocal_length_c_esd      ? 
_cell.pdbx_unique_axis             ? 
# 
_symmetry.entry_id                         7Q5A 
_symmetry.cell_setting                     ? 
_symmetry.Int_Tables_number                1 
_symmetry.space_group_name_Hall            ? 
_symmetry.space_group_name_H-M             'P 1' 
_symmetry.pdbx_full_space_group_name_H-M   ? 
# 
_exptl.absorpt_coefficient_mu     ? 
_exptl.absorpt_correction_T_max   ? 
_exptl.absorpt_correction_T_min   ? 
_exptl.absorpt_correction_type    ? 
_exptl.absorpt_process_details    ? 
_exptl.entry_id                   7Q5A 
_exptl.crystals_number            ? 
_exptl.details                    ? 
_exptl.method                     'ELECTRON MICROSCOPY' 
_exptl.method_details             ? 
# 
_refine.aniso_B[1][1]                            ? 
_refine.aniso_B[1][2]                            ? 
_refine.aniso_B[1][3]                            ? 
_refine.aniso_B[2][2]                            ? 
_refine.aniso_B[2][3]                            ? 
_refine.aniso_B[3][3]                            ? 
_refine.B_iso_max                                ? 
_refine.B_iso_mean                               18.52 
_refine.B_iso_min                                ? 
_refine.correlation_coeff_Fo_to_Fc               ? 
_refine.correlation_coeff_Fo_to_Fc_free          ? 
_refine.details                                  ? 
_refine.diff_density_max                         ? 
_refine.diff_density_max_esd                     ? 
_refine.diff_density_min                         ? 
_refine.diff_density_min_esd                     ? 
_refine.diff_density_rms                         ? 
_refine.diff_density_rms_esd                     ? 
_refine.entry_id                                 7Q5A 
_refine.pdbx_refine_id                           'ELECTRON MICROSCOPY' 
_refine.ls_abs_structure_details                 ? 
_refine.ls_abs_structure_Flack                   ? 
_refine.ls_abs_structure_Flack_esd               ? 
_refine.ls_abs_structure_Rogers                  ? 
_refine.ls_abs_structure_Rogers_esd              ? 
_refine.ls_d_res_high                            . 
_refine.ls_d_res_low                             ? 
_refine.ls_extinction_coef                       ? 
_refine.ls_extinction_coef_esd                   ? 
_refine.ls_extinction_expression                 ? 
_refine.ls_extinction_method                     ? 
_refine.ls_goodness_of_fit_all                   ? 
_refine.ls_goodness_of_fit_all_esd               ? 
_refine.ls_goodness_of_fit_obs                   ? 
_refine.ls_goodness_of_fit_obs_esd               ? 
_refine.ls_hydrogen_treatment                    ? 
_refine.ls_matrix_type                           ? 
_refine.ls_number_constraints                    ? 
_refine.ls_number_parameters                     ? 
_refine.ls_number_reflns_all                     ? 
_refine.ls_number_reflns_obs                     ? 
_refine.ls_number_reflns_R_free                  ? 
_refine.ls_number_reflns_R_work                  ? 
_refine.ls_number_restraints                     ? 
_refine.ls_percent_reflns_obs                    ? 
_refine.ls_percent_reflns_R_free                 ? 
_refine.ls_R_factor_all                          ? 
_refine.ls_R_factor_obs                          ? 
_refine.ls_R_factor_R_free                       ? 
_refine.ls_R_factor_R_free_error                 ? 
_refine.ls_R_factor_R_free_error_details         ? 
_refine.ls_R_factor_R_work                       ? 
_refine.ls_R_Fsqd_factor_obs                     ? 
_refine.ls_R_I_factor_obs                        ? 
_refine.ls_redundancy_reflns_all                 ? 
_refine.ls_redundancy_reflns_obs                 ? 
_refine.ls_restrained_S_all                      ? 
_refine.ls_restrained_S_obs                      ? 
_refine.ls_shift_over_esd_max                    ? 
_refine.ls_shift_over_esd_mean                   ? 
_refine.ls_structure_factor_coef                 ? 
_refine.ls_weighting_details                     ? 
_refine.ls_weighting_scheme                      ? 
_refine.ls_wR_factor_all                         ? 
_refine.ls_wR_factor_obs                         ? 
_refine.ls_wR_factor_R_free                      ? 
_refine.ls_wR_factor_R_work                      ? 
_refine.occupancy_max                            ? 
_refine.occupancy_min                            ? 
_refine.solvent_model_details                    ? 
_refine.solvent_model_param_bsol                 ? 
_refine.solvent_model_param_ksol                 ? 
_refine.pdbx_R_complete                          ? 
_refine.ls_R_factor_gt                           ? 
_refine.ls_goodness_of_fit_gt                    ? 
_refine.ls_goodness_of_fit_ref                   ? 
_refine.ls_shift_over_su_max                     ? 
_refine.ls_shift_over_su_max_lt                  ? 
_refine.ls_shift_over_su_mean                    ? 
_refine.ls_shift_over_su_mean_lt                 ? 
_refine.pdbx_ls_sigma_I                          ? 
_refine.pdbx_ls_sigma_F                          ? 
_refine.pdbx_ls_sigma_Fsqd                       ? 
_refine.pdbx_data_cutoff_high_absF               ? 
_refine.pdbx_data_cutoff_high_rms_absF           ? 
_refine.pdbx_data_cutoff_low_absF                ? 
_refine.pdbx_isotropic_thermal_model             ? 
_refine.pdbx_ls_cross_valid_method               NONE 
_refine.pdbx_method_to_determine_struct          ? 
_refine.pdbx_starting_model                      ? 
_refine.pdbx_stereochemistry_target_values       'GeoStd + Monomer Library + CDL v1.2' 
_refine.pdbx_R_Free_selection_details            ? 
_refine.pdbx_stereochem_target_val_spec_case     ? 
_refine.pdbx_overall_ESU_R                       ? 
_refine.pdbx_overall_ESU_R_Free                  ? 
_refine.pdbx_solvent_vdw_probe_radii             ? 
_refine.pdbx_solvent_ion_probe_radii             ? 
_refine.pdbx_solvent_shrinkage_radii             ? 
_refine.pdbx_real_space_R                        ? 
_refine.pdbx_density_correlation                 ? 
_refine.pdbx_pd_number_of_powder_patterns        ? 
_refine.pdbx_pd_number_of_points                 ? 
_refine.pdbx_pd_meas_number_of_points            ? 
_refine.pdbx_pd_proc_ls_prof_R_factor            ? 
_refine.pdbx_pd_proc_ls_prof_wR_factor           ? 
_refine.pdbx_pd_Marquardt_correlation_coeff      ? 
_refine.pdbx_pd_Fsqrd_R_factor                   ? 
_refine.pdbx_pd_ls_matrix_band_width             ? 
_refine.pdbx_overall_phase_error                 ? 
_refine.pdbx_overall_SU_R_free_Cruickshank_DPI   ? 
_refine.pdbx_overall_SU_R_free_Blow_DPI          ? 
_refine.pdbx_overall_SU_R_Blow_DPI               ? 
_refine.pdbx_TLS_residual_ADP_flag               ? 
_refine.pdbx_diffrn_id                           ? 
_refine.overall_SU_B                             ? 
_refine.overall_SU_ML                            ? 
_refine.overall_SU_R_Cruickshank_DPI             ? 
_refine.overall_SU_R_free                        ? 
_refine.overall_FOM_free_R_set                   ? 
_refine.overall_FOM_work_R_set                   ? 
_refine.pdbx_average_fsc_overall                 ? 
_refine.pdbx_average_fsc_work                    ? 
_refine.pdbx_average_fsc_free                    ? 
# 
_struct.entry_id                     7Q5A 
_struct.title                        'Lanreotide nanotube' 
_struct.pdbx_model_details           ? 
_struct.pdbx_formula_weight          ? 
_struct.pdbx_formula_weight_method   ? 
_struct.pdbx_model_type_details      ? 
_struct.pdbx_CASP_flag               N 
# 
_struct_keywords.entry_id        7Q5A 
_struct_keywords.text            'Lanreotide, nanotube, assembly, HORMONE' 
_struct_keywords.pdbx_keywords   HORMONE 
# 
loop_
_struct_asym.id 
_struct_asym.pdbx_blank_PDB_chainid_flag 
_struct_asym.pdbx_modified 
_struct_asym.entity_id 
_struct_asym.details 
A N N 1 ? 
B N N 1 ? 
C N N 1 ? 
D N N 1 ? 
E N N 1 ? 
F N N 1 ? 
G N N 1 ? 
H N N 1 ? 
# 
_struct_ref.id                         1 
_struct_ref.db_name                    PDB 
_struct_ref.db_code                    7Q5A 
_struct_ref.pdbx_db_accession          7Q5A 
_struct_ref.pdbx_db_isoform            ? 
_struct_ref.entity_id                  1 
_struct_ref.pdbx_seq_one_letter_code   ? 
_struct_ref.pdbx_align_begin           1 
# 
loop_
_struct_ref_seq.align_id 
_struct_ref_seq.ref_id 
_struct_ref_seq.pdbx_PDB_id_code 
_struct_ref_seq.pdbx_strand_id 
_struct_ref_seq.seq_align_beg 
_struct_ref_seq.pdbx_seq_align_beg_ins_code 
_struct_ref_seq.seq_align_end 
_struct_ref_seq.pdbx_seq_align_end_ins_code 
_struct_ref_seq.pdbx_db_accession 
_struct_ref_seq.db_align_beg 
_struct_ref_seq.pdbx_db_align_beg_ins_code 
_struct_ref_seq.db_align_end 
_struct_ref_seq.pdbx_db_align_end_ins_code 
_struct_ref_seq.pdbx_auth_seq_align_beg 
_struct_ref_seq.pdbx_auth_seq_align_end 
1 1 7Q5A A 1 ? 9 ? 7Q5A 1   ? 9   ? 1   9   
2 1 7Q5A B 1 ? 9 ? 7Q5A 101 ? 109 ? 101 109 
3 1 7Q5A C 1 ? 9 ? 7Q5A 201 ? 209 ? 201 209 
4 1 7Q5A D 1 ? 9 ? 7Q5A 301 ? 309 ? 301 309 
5 1 7Q5A E 1 ? 9 ? 7Q5A 401 ? 409 ? 401 409 
6 1 7Q5A F 1 ? 9 ? 7Q5A 501 ? 509 ? 501 509 
7 1 7Q5A G 1 ? 9 ? 7Q5A 601 ? 609 ? 601 609 
8 1 7Q5A H 1 ? 9 ? 7Q5A 701 ? 709 ? 701 709 
# 
_pdbx_struct_assembly.id                   1 
_pdbx_struct_assembly.details              author_defined_assembly 
_pdbx_struct_assembly.method_details       ? 
_pdbx_struct_assembly.oligomeric_details   800-mer 
_pdbx_struct_assembly.oligomeric_count     800 
# 
_pdbx_struct_assembly_gen.assembly_id       1 
_pdbx_struct_assembly_gen.oper_expression   '(1-100)' 
_pdbx_struct_assembly_gen.asym_id_list      A,B,C,D,E,F,G,H 
# 
_pdbx_struct_assembly_auth_evidence.id                     1 
_pdbx_struct_assembly_auth_evidence.assembly_id            1 
_pdbx_struct_assembly_auth_evidence.experimental_support   'electron microscopy' 
_pdbx_struct_assembly_auth_evidence.details                ? 
# 
loop_
_pdbx_struct_oper_list.id 
_pdbx_struct_oper_list.type 
_pdbx_struct_oper_list.name 
_pdbx_struct_oper_list.symmetry_operation 
_pdbx_struct_oper_list.matrix[1][1] 
_pdbx_struct_oper_list.matrix[1][2] 
_pdbx_struct_oper_list.matrix[1][3] 
_pdbx_struct_oper_list.vector[1] 
_pdbx_struct_oper_list.matrix[2][1] 
_pdbx_struct_oper_list.matrix[2][2] 
_pdbx_struct_oper_list.matrix[2][3] 
_pdbx_struct_oper_list.vector[2] 
_pdbx_struct_oper_list.matrix[3][1] 
_pdbx_struct_oper_list.matrix[3][2] 
_pdbx_struct_oper_list.matrix[3][3] 
_pdbx_struct_oper_list.vector[3] 
1   'identity operation'       1_555 ? 1.0000000   0.000000    0.000000    0.0000000 0.000000    1.0000000   0.000000   0.0000000  0.000000    0.000000   1.000000   0.0000000 
2   'point symmetry operation' ?     ? -0.62985394 -0.69919672 0.33824073  130.49977 0.68530921  -0.29531301 0.66568805 -186.58674 -0.36556003 0.65108620 0.66517094 37.89037  
3   'point symmetry operation' ?     ? -0.90811334 -0.38105192 0.17358007  182.51562 0.36479343  -0.51645738 0.77472439 -166.25146 -0.20556350 0.76685824 0.60800672 29.26843  
4   'point symmetry operation' ?     ? -0.99948626 0.01462919  -0.02852443 219.44462 -0.03166624 -0.58907526 0.80745771 -127.51048 -0.00499058 0.80794597 0.58923552 11.13099  
5   'point symmetry operation' ?     ? -0.88517037 0.40642211  -0.22648309 233.68450 -0.42248511 -0.49822364 0.75715231 -78.23916  0.19488422  0.76589448 0.61272001 -12.59873 
6   'point symmetry operation' ?     ? -0.58868958 0.71370701  -0.37956164 222.30384 -0.72724377 -0.26259797 0.63416001 -28.47929  0.35293233  0.64935717 0.67362755 -36.84702 
7   'point symmetry operation' ?     ? -0.17105149 0.87325143  -0.45625990 187.64213 -0.88322962 0.06931646  0.46378926 11.62699   0.43663096  0.48231420 0.75942503 -56.43352 
8   'point symmetry operation' ?     ? 0.28180248  0.85222468  -0.44079507 136.82999 -0.85834424 0.42921843  0.28109889 33.92323   0.42875678  0.29913961 0.85245709 -67.13679 
9   'point symmetry operation' ?     ? 0.67668658  0.65495414  -0.33634973 80.32147  -0.65770900 0.74304932  0.12368189 33.91871   0.33093041  0.13752605 0.93358010 -66.56376 
10  'point symmetry operation' ?     ? 0.93234198  0.32203267  -0.16441589 29.74252  -0.32260916 0.94622935  0.02393138 11.71088   0.16328181  0.03073017 0.98610067 -54.64134 
11  'point symmetry operation' ?     ? 0.99616334  -0.07803203 0.03962640  -4.50110  0.07799934  0.99695085  0.00237264 -28.03259  -0.03969071 0.00072704 0.99921182 -33.63255 
12  'point symmetry operation' ?     ? 0.85501482  -0.46291598 0.23378994  -15.36441 0.46168060  0.88477422  0.06344313 -77.03740  -0.23622016 0.05369176 0.97021497 -7.66927  
13  'point symmetry operation' ?     ? 0.53794384  -0.75341985 0.37812087  -0.61458  0.74948280  0.63278467  0.19457502 -125.12184 -0.38586577 0.17872448 0.90507749 18.09628  
14  'point symmetry operation' ?     ? 0.11019465  -0.88976426 0.44291897  36.71164  0.88218248  0.29283452  0.36878506 -162.29469 -0.45783372 0.35009701 0.81720283 38.55313  
15  'point symmetry operation' ?     ? -0.34021154 -0.84389284 0.41485041  88.93129  0.83247329  -0.06512209 0.55022472 -180.80949 -0.43731478 0.53254473 0.72467363 49.68241  
16  'point symmetry operation' ?     ? -0.72059292 -0.62524551 0.29969132  145.29666 0.61058483  -0.36742706 0.70155848 -176.75980 -0.32853158 0.68852465 0.64652998 49.38496  
17  'point symmetry operation' ?     ? -0.95267440 -0.27881347 0.12113813  194.20736 0.26217529  -0.55187192 0.79164477 -150.88127 -0.15386849 0.78593916 0.59885232 37.91241  
18  'point symmetry operation' ?     ? -0.98870022 0.12411425  -0.08406639 225.59622 -0.14105940 -0.58050314 0.80194642 -108.40267 0.05073217  0.80474310 0.59145136 17.81656  
19  'point symmetry operation' ?     ? -0.82125702 0.50062683  -0.27369711 233.00300 -0.51614523 -0.44742903 0.73034354 -57.96780  0.24316954  0.74106705 0.62585005 -6.57671  
20  'point symmetry operation' ?     ? -0.48480076 0.77324457  -0.40873134 214.90061 -0.78589613 -0.18003319 0.59157039 -9.85834   0.38384339  0.60801405 0.69496994 -30.05691 
21  'point symmetry operation' ?     ? -0.04856532 0.88587037  -0.46138281 175.01240 -0.89480490 0.16666134  0.41418282 26.12331   0.44380696  0.43296292 0.78458798 -47.60183 
22  'point symmetry operation' ?     ? 0.39768124  0.81532974  -0.42081774 121.54510 -0.82046192 0.52131212  0.23468345 42.66973   0.41072179  0.25193552 0.87626264 -55.41023 
23  'point symmetry operation' ?     ? 0.76211303  0.57613557  -0.29538208 65.49772  -0.57816253 0.81094129  0.09000859 36.47301   0.29139466  0.10218253 0.95112969 -51.68458 
24  'point symmetry operation' ?     ? 0.96973867  0.21751115  -0.11088893 18.40264  -0.21776899 0.97595006  0.00992884 8.90565    0.11038169  0.01451957 0.99378326 -37.00095 
25  'point symmetry operation' ?     ? 0.97783296  -0.18674966 0.09469867  -10.05201 0.18656078  0.98238293  0.01092306 -34.26328  -0.09507023 0.00698590 0.99544611 -14.18982 
26  'point symmetry operation' ?     ? 0.78473003  -0.55345746 0.27907460  -14.01208 0.55162321  0.82891596  0.09278674 -84.05347  -0.28268292 0.08113188 0.95577601 12.24551  
27  'point symmetry operation' ?     ? 0.43016737  -0.80715407 0.40429948  7.33452   0.80229869  0.54713020  0.23867370 -130.12199 -0.41385091 0.22169942 0.88293643 37.05586  
28  'point symmetry operation' ?     ? -0.01289547 -0.89563435 0.44460480  49.59343  0.88700376  0.19500966  0.41856427 -162.89238 -0.46158276 0.39976346 0.79191581 55.32678  
29  'point symmetry operation' ?     ? -0.45328654 -0.80069093 0.39169655  104.06685 0.78830790  -0.15498752 0.59544118 -175.52419 -0.41605627 0.57868262 0.70144407 63.48927  
30  'point symmetry operation' ?     ? -0.80038386 -0.54186038 0.25646174  159.54365 0.52651983  -0.43084026 0.73290739 -165.32104 -0.28663943 0.72163959 0.63013813 60.05440  
31  'point symmetry operation' ?     ? -0.98276374 -0.17240493 0.06672900  204.60565 0.15551037  -0.57578517 0.80267589 -134.28591 -0.09996371 0.79921750 0.59267092 45.91994  
32  'point symmetry operation' ?     ? -0.96289550 0.23165053  -0.13845931 229.97811 -0.24837580 -0.55999505 0.79038950 -88.70766  0.10555763  0.79545215 0.59675255 24.18497  
33  'point symmetry operation' ?     ? -0.74486777 0.58716165  -0.31688064 230.43825 -0.60202917 -0.38671931 0.69857653 -37.86823  0.28763349  0.71111847 0.64154308 -0.48722  
34  'point symmetry operation' ?     ? -0.37354659 0.82097224  -0.43181990 205.88931 -0.83267583 -0.09161485 0.54613038 7.86738    0.40879677  0.56357077 0.71782545 -22.82869 
35  'point symmetry operation' ?     ? 0.07465979  0.88496913  -0.45962506 161.38058 -0.89285368 0.26459348  0.36442050 39.18504   0.44411468  0.38317052 0.80990273 -38.05144 
36  'point symmetry operation' ?     ? 0.50752153  0.76598482  -0.39457527 106.06944 -0.77018109 0.60860679  0.19083831 49.73762   0.38632043  0.20703966 0.89882768 -42.83238 
37  'point symmetry operation' ?     ? 0.83596550  0.48850171  -0.25005533 51.33496  -0.48989940 0.86963493  0.06110309 37.45022   0.24730581  0.07142192 0.96630157 -35.99674 
38  'point symmetry operation' ?     ? 0.99240567  0.10962069  -0.05580475 8.43880   -0.10968540 0.99396447  0.00191130 4.94844    0.05567746  0.00422423 0.99843986 -18.76046 
39  'point symmetry operation' ?     ? 0.94465089  -0.29269503 0.14820506  -13.79473 0.29222341  0.95601175  0.02544299 -40.98268  -0.14913281 0.01927408 0.98862936 5.52042   
40  'point symmetry operation' ?     ? 0.70252729  -0.63565725 0.31999314  -10.79193 0.63312257  0.76358601  0.12685616 -90.79469  -0.32497932 0.11347482 0.93888869 32.04028  
41  'point symmetry operation' ?     ? 0.31585847  -0.84869243 0.42420955  16.82729  0.84286306  0.45628415  0.28528227 -134.14038 -0.43567700 0.26744208 0.85945338 55.53266  
42  'point symmetry operation' ?     ? -0.13578761 -0.88796423 0.43940966  63.37694  0.87828651  0.09734214  0.46812071 -162.00319 -0.45844752 0.44949273 0.76666946 71.35411  
43  'point symmetry operation' ?     ? -0.55947416 -0.74539020 0.36246502  119.27685 0.73210238  -0.23937926 0.63774816 -168.55288 -0.38860463 0.62216561 0.67962941 76.43985  
44  'point symmetry operation' ?     ? -0.86801589 -0.45030998 0.20920965  173.02154 0.43439315  -0.48459026 0.75925907 -152.34463 -0.24052098 0.74992845 0.61624414 69.93408  
45  'point symmetry operation' ?     ? -0.99792240 -0.06344223 0.01117894  213.55038 0.04641851  -0.58783239 0.80764944 -116.61657 -0.04466774 0.80649078 0.58955680 53.36620  
46  'point symmetry operation' ?     ? -0.92246207 0.33560333  -0.19087632 232.52085 -0.35198408 -0.52786092 0.77296169 -68.62392  0.15865237  0.78021341 0.60505899 30.33637  
47  'point symmetry operation' ?     ? -0.65716252 0.66471309  -0.35537820 226.02741 -0.67883329 -0.31701628 0.66233362 -18.14528  0.32760115  0.67650349 0.65956080 5.77425   
48  'point symmetry operation' ?     ? -0.25661693 0.85616434  -0.44847627 195.40446 -0.86687161 0.00131404  0.49853019 24.52877   0.42741309  0.51670239 0.74184689 -15.07496 
49  'point symmetry operation' ?     ? 0.19675300  0.87056022  -0.45101276 146.95102 -0.87740446 0.36162605  0.31525783 50.71414   0.43754888  0.33369294 0.83498495 -27.73036 
50  'point symmetry operation' ?     ? 0.60965450  0.70493961  -0.36246634 90.63613  -0.70826564 0.68977613  0.15022962 55.11963   0.35592345  0.16513416 0.91980937 -29.39707 
51  'point symmetry operation' ?     ? 0.89712109  0.39338221  -0.20105723 38.04577  -0.39425882 0.91823784  0.03740494 36.93513   0.19933279  0.04571189 0.97886507 -19.54109 
52  'point symmetry operation' ?     ? 0.89712109  -0.39425882 0.19933279  -15.67447 0.39338221  0.91823784  0.04571189 -47.98852  -0.20105723 0.03740494 0.97886507 25.39592  
53  'point symmetry operation' ?     ? 0.60965450  -0.70826564 0.35592345  -5.75442  0.70493961  0.68977613  0.16513416 -97.05857  -0.36246634 0.15022962 0.91980937 51.61156  
54  'point symmetry operation' ?     ? 0.19675300  -0.87740446 0.43754888  27.71732  0.87056022  0.36162605  0.33369294 -137.01597 -0.45101276 0.31525783 0.83498495 73.44326  
55  'point symmetry operation' ?     ? -0.25661693 -0.86687161 0.42741309  77.85045  0.85616434  0.00131404  0.51670239 -159.54120 -0.44847627 0.49853019 0.74184689 86.58920  
56  'point symmetry operation' ?     ? -0.65716252 -0.67883329 0.32760115  134.32726 0.66471309  -0.31701628 0.67650349 -159.90196 -0.35537820 0.66233362 0.65956080 88.53494  
57  'point symmetry operation' ?     ? -0.92246207 -0.35198408 0.15865237  185.52396 0.33560333  -0.52786092 0.78021341 -137.92749 -0.19087632 0.77296169 0.60505899 79.07108  
58  'point symmetry operation' ?     ? -0.99792240 0.04641851  -0.04466774 220.90349 -0.06344223 -0.58783239 0.80649078 -98.04232  0.01117894  0.80764944 0.58955680 60.33567  
59  'point symmetry operation' ?     ? -0.86801589 0.43439315  -0.24052098 233.18378 -0.45030998 -0.48459026 0.74992845 -48.35693  0.20920965  0.75925907 0.61624414 36.37479  
60  'point symmetry operation' ?     ? -0.55947416 0.73210238  -0.38860463 219.83520 -0.74539020 -0.23937926 0.62216561 1.00137    0.36246502  0.63774816 0.67962941 12.30989  
61  'point symmetry operation' ?     ? -0.13578761 0.87828651  -0.45844752 183.60327 -0.88796423 0.09734214  0.44949273 39.97310   0.43940966  0.46812071 0.76666946 -6.71644  
62  'point symmetry operation' ?     ? 0.31585847  0.84286306  -0.43567700 131.94122 -0.84869243 0.45628415  0.26744208 60.63537   0.42420955  0.28528227 0.85945338 -16.59806 
63  'point symmetry operation' ?     ? 0.70252729  0.63312257  -0.32497932 75.47821  -0.63565725 0.76358601  0.11347482 58.83391   0.31999314  0.12685616 0.93888869 -15.11109 
64  'point symmetry operation' ?     ? 0.94465089  0.29222341  -0.14913281 25.83055  -0.29269503 0.95601175  0.01927408 35.03600   0.14820506  0.02544299 0.98862936 -2.37055  
65  'point symmetry operation' ?     ? 0.99240567  -0.10968540 0.05567746  -6.78738  0.10962069  0.99396447  0.00422423 -5.76444   -0.05580475 0.00191130 0.99843986 19.19268  
66  'point symmetry operation' ?     ? 0.83596550  -0.48989940 0.24730581  -15.66519 0.48850171  0.86963493  0.07142192 -55.07431  -0.25005533 0.06110309 0.96630157 45.33198  
67  'point symmetry operation' ?     ? 0.50752153  -0.77018109 0.38632043  1.02140   0.76598482  0.60860679  0.20703966 -102.65019 -0.39457527 0.19083831 0.89882768 70.85944  
68  'point symmetry operation' ?     ? 0.07465979  -0.89285368 0.44411468  39.83729  0.88496913  0.26459348  0.38317052 -138.60492 -0.45962506 0.36442050 0.80990273 90.71278  
69  'point symmetry operation' ?     ? -0.37354659 -0.83267583 0.40879677  92.79229  0.82097224  -0.09161485 0.56357077 -155.44294 -0.43181990 0.54613038 0.71782545 100.99744 
70  'point symmetry operation' ?     ? -0.74486777 -0.60202917 0.28763349  148.98819 0.58716165  -0.38671931 0.71111847 -149.60235 -0.31688064 0.69857653 0.64154308 99.78782  
71  'point symmetry operation' ?     ? -0.96289550 -0.24837580 0.10555763  196.85910 0.23165053  -0.55999505 0.79545215 -122.18835 -0.13845931 0.79038950 0.59675255 87.52375  
72  'point symmetry operation' ?     ? -0.98276374 0.15551037  -0.09996371 226.55197 -0.17240493 -0.57578517 0.79921750 -78.74481  0.06672900  0.80267589 0.59267092 66.91951  
73  'point symmetry operation' ?     ? -0.80038386 0.52651983  -0.28663943 231.95492 -0.54186038 -0.43084026 0.72163959 -28.11425  0.25646174  0.73290739 0.63013813 42.40562  
74  'point symmetry operation' ?     ? -0.45328654 0.78830790  -0.41605627 211.95443 -0.80069093 -0.15498752 0.57868262 19.38136   0.39169655  0.59544118 0.70144407 19.21744  
75  'point symmetry operation' ?     ? -0.01289547 0.88700376  -0.46158276 170.66356 -0.89563435 0.19500966  0.39976346 54.06563   0.44460480  0.41856427 0.79191581 2.31725   
76  'point symmetry operation' ?     ? 0.43016737  0.80229869  -0.41385091 116.57721 -0.80715407 0.54713020  0.22169942 68.89839   0.40429948  0.23867370 0.88293643 -4.62656  
77  'point symmetry operation' ?     ? 0.78473003  0.55162321  -0.28268292 60.82316  -0.55345746 0.82891596  0.08113188 60.92435   0.27907460  0.09278674 0.95577601 0.00566   
78  'point symmetry operation' ?     ? 0.97783296  0.18656078  -0.09507023 14.87229  -0.18674966 0.98238293  0.00698590 31.88176   0.09469867  0.01092306 0.99544611 15.45128  
79  'point symmetry operation' ?     ? 0.96973867  -0.21776899 0.11038169  -11.82224 0.21751115  0.97595006  0.01451957 -12.15685  -0.11088893 0.00992884 0.99378326 38.72307  
80  'point symmetry operation' ?     ? 0.76211303  -0.57816253 0.29139466  -13.76851 0.57613557  0.81094129  0.10218253 -62.03205  -0.29538208 0.09000859 0.95112969 65.22285  
81  'point symmetry operation' ?     ? 0.39768124  -0.82046192 0.41072179  9.43084   0.81532974  0.52131212  0.25193552 -107.38377 -0.42081774 0.23468345 0.87626264 89.68837  
82  'point symmetry operation' ?     ? -0.04856532 -0.89480490 0.44380696  53.00110  0.88587037  0.16666134  0.43296292 -138.78240 -0.46138281 0.41418282 0.78458798 107.27580 
83  'point symmetry operation' ?     ? -0.48480076 -0.78589613 0.38384339  107.97354 0.77324457  -0.18003319 0.60801405 -149.67055 -0.40873134 0.59157039 0.69496994 114.55718 
84  'point symmetry operation' ?     ? -0.82125702 -0.51614523 0.24316954  163.03449 0.50062683  -0.44742903 0.74106705 -137.71017 -0.27369711 0.73034354 0.62585005 110.22465 
85  'point symmetry operation' ?     ? -0.98870022 -0.14105940 0.05073217  206.85227 0.12411425  -0.58050314 0.80474310 -105.26557 -0.08406639 0.80194642 0.59145136 95.36058  
86  'point symmetry operation' ?     ? -0.95267440 0.26217529  -0.15386849 230.40722 -0.27881347 -0.55187192 0.78593916 -58.91637  0.12113813  0.79164477 0.59885232 73.21453  
87  'point symmetry operation' ?     ? -0.72059292 0.61058483  -0.32853158 228.85116 -0.62524551 -0.36742706 0.68852465 -8.10290   0.29969132  0.70155848 0.64652998 48.53427  
88  'point symmetry operation' ?     ? -0.34021154 0.83247329  -0.43731478 202.50149 -0.84389284 -0.06512209 0.53254473 36.81575   0.41485041  0.55022472 0.72467363 26.58910  
89  'point symmetry operation' ?     ? 0.11019465  0.88218248  -0.45783372 156.77905 -0.88976426 0.29283452  0.35009701 66.69298   0.44291897  0.36878506 0.81720283 12.08579  
90  'point symmetry operation' ?     ? 0.53794384  0.74948280  -0.38586577 101.09000 -0.75341985 0.63278467  0.17872448 75.47799   0.37812087  0.19457502 0.90507749 8.19939   
91  'point symmetry operation' ?     ? 0.85501482  0.46168060  -0.23622016 46.89186  -0.46291598 0.88477422  0.05369176 61.45981   0.23378994  0.06344313 0.97021497 15.92051  
92  'point symmetry operation' ?     ? 0.99616334  0.07799934  -0.03969071 5.33538   -0.07803203 0.99695085  0.00072704 27.62055   0.03962640  0.00237264 0.99921182 33.85081  
93  'point symmetry operation' ?     ? 0.93234198  -0.32260916 0.16328181  -15.03007 0.32203267  0.94622935  0.03073017 -18.98037  -0.16441589 0.02393138 0.98610067 58.49188  
94  'point symmetry operation' ?     ? 0.67668658  -0.65770900 0.33093041  -10.01607 0.65495414  0.74304932  0.13752605 -68.65563  -0.33634973 0.12368189 0.93358010 84.96343  
95  'point symmetry operation' ?     ? 0.28180248  -0.85834424 0.42875678  19.34408  0.85222468  0.42921843  0.29913961 -111.08703 -0.44079507 0.28109889 0.85245709 108.00940 
96  'point symmetry operation' ?     ? -0.17105149 -0.88322962 0.43663096  67.00632  0.87325143  0.06931646  0.48231420 -137.44596 -0.45625990 0.46378926 0.75942503 123.07811 
97  'point symmetry operation' ?     ? -0.58868958 -0.72724377 0.35293233  123.16123 0.71370701  -0.26259797 0.64935717 -142.21159 -0.37956164 0.63416001 0.67362755 127.25963 
98  'point symmetry operation' ?     ? -0.88517037 -0.42248511 0.19488422  176.25114 0.40642211  -0.49822364 0.76589448 -124.30587 -0.22648309 0.75715231 0.61272001 119.88405 
99  'point symmetry operation' ?     ? -0.99948626 -0.03166624 -0.00499058 215.34935 0.01462919  -0.58907526 0.80794597 -87.31680  -0.02852443 0.80745771 0.58923552 102.66007 
100 'point symmetry operation' ?     ? -0.90811334 0.36479343  -0.20556350 232.40903 -0.38105192 -0.51645738 0.76685824 -38.75851  0.17358007  0.77472439 0.60800672 79.32255  
# 
loop_
_struct_conn.id 
_struct_conn.conn_type_id 
_struct_conn.pdbx_leaving_atom_flag 
_struct_conn.pdbx_PDB_id 
_struct_conn.ptnr1_label_asym_id 
_struct_conn.ptnr1_label_comp_id 
_struct_conn.ptnr1_label_seq_id 
_struct_conn.ptnr1_label_atom_id 
_struct_conn.pdbx_ptnr1_label_alt_id 
_struct_conn.pdbx_ptnr1_PDB_ins_code 
_struct_conn.pdbx_ptnr1_standard_comp_id 
_struct_conn.ptnr1_symmetry 
_struct_conn.ptnr2_label_asym_id 
_struct_conn.ptnr2_label_comp_id 
_struct_conn.ptnr2_label_seq_id 
_struct_conn.ptnr2_label_atom_id 
_struct_conn.pdbx_ptnr2_label_alt_id 
_struct_conn.pdbx_ptnr2_PDB_ins_code 
_struct_conn.ptnr1_auth_asym_id 
_struct_conn.ptnr1_auth_comp_id 
_struct_conn.ptnr1_auth_seq_id 
_struct_conn.ptnr2_auth_asym_id 
_struct_conn.ptnr2_auth_comp_id 
_struct_conn.ptnr2_auth_seq_id 
_struct_conn.ptnr2_symmetry 
_struct_conn.pdbx_ptnr3_label_atom_id 
_struct_conn.pdbx_ptnr3_label_seq_id 
_struct_conn.pdbx_ptnr3_label_comp_id 
_struct_conn.pdbx_ptnr3_label_asym_id 
_struct_conn.pdbx_ptnr3_label_alt_id 
_struct_conn.pdbx_ptnr3_PDB_ins_code 
_struct_conn.details 
_struct_conn.pdbx_dist_value 
_struct_conn.pdbx_value_order 
_struct_conn.pdbx_role 
disulf1  disulf ?    ? A CYS 2 SG ? ? ? 1_555 A CYS 7 SG ? ? A CYS 2   A CYS 7   1_555 ? ? ? ? ? ? ? 2.040 ? ? 
disulf2  disulf ?    ? B CYS 2 SG ? ? ? 1_555 B CYS 7 SG ? ? B CYS 102 B CYS 107 1_555 ? ? ? ? ? ? ? 2.040 ? ? 
disulf3  disulf ?    ? C CYS 2 SG ? ? ? 1_555 C CYS 7 SG ? ? C CYS 202 C CYS 207 1_555 ? ? ? ? ? ? ? 2.038 ? ? 
disulf4  disulf ?    ? D CYS 2 SG ? ? ? 1_555 D CYS 7 SG ? ? D CYS 302 D CYS 307 1_555 ? ? ? ? ? ? ? 2.037 ? ? 
disulf5  disulf ?    ? E CYS 2 SG ? ? ? 1_555 E CYS 7 SG ? ? E CYS 402 E CYS 407 1_555 ? ? ? ? ? ? ? 2.036 ? ? 
disulf6  disulf ?    ? F CYS 2 SG ? ? ? 1_555 F CYS 7 SG ? ? F CYS 502 F CYS 507 1_555 ? ? ? ? ? ? ? 2.034 ? ? 
disulf7  disulf ?    ? G CYS 2 SG ? ? ? 1_555 G CYS 7 SG ? ? G CYS 602 G CYS 607 1_555 ? ? ? ? ? ? ? 2.039 ? ? 
disulf8  disulf ?    ? H CYS 2 SG ? ? ? 1_555 H CYS 7 SG ? ? H CYS 702 H CYS 707 1_555 ? ? ? ? ? ? ? 2.036 ? ? 
covale1  covale both ? A 4J2 1 C  ? ? ? 1_555 A CYS 2 N  ? ? A 4J2 1   A CYS 2   1_555 ? ? ? ? ? ? ? 1.324 ? ? 
covale2  covale both ? A TYR 3 C  ? ? ? 1_555 A DTR 4 N  ? ? A TYR 3   A DTR 4   1_555 ? ? ? ? ? ? ? 1.320 ? ? 
covale3  covale both ? A DTR 4 C  ? ? ? 1_555 A LYS 5 N  ? ? A DTR 4   A LYS 5   1_555 ? ? ? ? ? ? ? 1.326 ? ? 
covale4  covale both ? A THR 8 C  ? ? ? 1_555 A NH2 9 N  ? ? A THR 8   A NH2 9   1_555 ? ? ? ? ? ? ? 1.325 ? ? 
covale5  covale both ? B 4J2 1 C  ? ? ? 1_555 B CYS 2 N  ? ? B 4J2 101 B CYS 102 1_555 ? ? ? ? ? ? ? 1.322 ? ? 
covale6  covale both ? B TYR 3 C  ? ? ? 1_555 B DTR 4 N  ? ? B TYR 103 B DTR 104 1_555 ? ? ? ? ? ? ? 1.319 ? ? 
covale7  covale both ? B DTR 4 C  ? ? ? 1_555 B LYS 5 N  ? ? B DTR 104 B LYS 105 1_555 ? ? ? ? ? ? ? 1.324 ? ? 
covale8  covale both ? B THR 8 C  ? ? ? 1_555 B NH2 9 N  ? ? B THR 108 B NH2 109 1_555 ? ? ? ? ? ? ? 1.326 ? ? 
covale9  covale both ? C 4J2 1 C  ? ? ? 1_555 C CYS 2 N  ? ? C 4J2 201 C CYS 202 1_555 ? ? ? ? ? ? ? 1.322 ? ? 
covale10 covale both ? C TYR 3 C  ? ? ? 1_555 C DTR 4 N  ? ? C TYR 203 C DTR 204 1_555 ? ? ? ? ? ? ? 1.320 ? ? 
covale11 covale both ? C DTR 4 C  ? ? ? 1_555 C LYS 5 N  ? ? C DTR 204 C LYS 205 1_555 ? ? ? ? ? ? ? 1.327 ? ? 
covale12 covale both ? C THR 8 C  ? ? ? 1_555 C NH2 9 N  ? ? C THR 208 C NH2 209 1_555 ? ? ? ? ? ? ? 1.322 ? ? 
covale13 covale both ? D 4J2 1 C  ? ? ? 1_555 D CYS 2 N  ? ? D 4J2 301 D CYS 302 1_555 ? ? ? ? ? ? ? 1.321 ? ? 
covale14 covale both ? D TYR 3 C  ? ? ? 1_555 D DTR 4 N  ? ? D TYR 303 D DTR 304 1_555 ? ? ? ? ? ? ? 1.316 ? ? 
covale15 covale both ? D DTR 4 C  ? ? ? 1_555 D LYS 5 N  ? ? D DTR 304 D LYS 305 1_555 ? ? ? ? ? ? ? 1.326 ? ? 
covale16 covale both ? D THR 8 C  ? ? ? 1_555 D NH2 9 N  ? ? D THR 308 D NH2 309 1_555 ? ? ? ? ? ? ? 1.323 ? ? 
covale17 covale both ? E 4J2 1 C  ? ? ? 1_555 E CYS 2 N  ? ? E 4J2 401 E CYS 402 1_555 ? ? ? ? ? ? ? 1.320 ? ? 
covale18 covale both ? E TYR 3 C  ? ? ? 1_555 E DTR 4 N  ? ? E TYR 403 E DTR 404 1_555 ? ? ? ? ? ? ? 1.316 ? ? 
covale19 covale both ? E DTR 4 C  ? ? ? 1_555 E LYS 5 N  ? ? E DTR 404 E LYS 405 1_555 ? ? ? ? ? ? ? 1.325 ? ? 
covale20 covale both ? E THR 8 C  ? ? ? 1_555 E NH2 9 N  ? ? E THR 408 E NH2 409 1_555 ? ? ? ? ? ? ? 1.324 ? ? 
covale21 covale both ? F 4J2 1 C  ? ? ? 1_555 F CYS 2 N  ? ? F 4J2 501 F CYS 502 1_555 ? ? ? ? ? ? ? 1.324 ? ? 
covale22 covale both ? F TYR 3 C  ? ? ? 1_555 F DTR 4 N  ? ? F TYR 503 F DTR 504 1_555 ? ? ? ? ? ? ? 1.316 ? ? 
covale23 covale both ? F DTR 4 C  ? ? ? 1_555 F LYS 5 N  ? ? F DTR 504 F LYS 505 1_555 ? ? ? ? ? ? ? 1.323 ? ? 
covale24 covale both ? F THR 8 C  ? ? ? 1_555 F NH2 9 N  ? ? F THR 508 F NH2 509 1_555 ? ? ? ? ? ? ? 1.326 ? ? 
covale25 covale both ? G 4J2 1 C  ? ? ? 1_555 G CYS 2 N  ? ? G 4J2 601 G CYS 602 1_555 ? ? ? ? ? ? ? 1.323 ? ? 
covale26 covale both ? G TYR 3 C  ? ? ? 1_555 G DTR 4 N  ? ? G TYR 603 G DTR 604 1_555 ? ? ? ? ? ? ? 1.319 ? ? 
covale27 covale both ? G DTR 4 C  ? ? ? 1_555 G LYS 5 N  ? ? G DTR 604 G LYS 605 1_555 ? ? ? ? ? ? ? 1.326 ? ? 
covale28 covale both ? G THR 8 C  ? ? ? 1_555 G NH2 9 N  ? ? G THR 608 G NH2 609 1_555 ? ? ? ? ? ? ? 1.326 ? ? 
covale29 covale both ? H 4J2 1 C  ? ? ? 1_555 H CYS 2 N  ? ? H 4J2 701 H CYS 702 1_555 ? ? ? ? ? ? ? 1.323 ? ? 
covale30 covale both ? H TYR 3 C  ? ? ? 1_555 H DTR 4 N  ? ? H TYR 703 H DTR 704 1_555 ? ? ? ? ? ? ? 1.318 ? ? 
covale31 covale both ? H DTR 4 C  ? ? ? 1_555 H LYS 5 N  ? ? H DTR 704 H LYS 705 1_555 ? ? ? ? ? ? ? 1.324 ? ? 
covale32 covale both ? H THR 8 C  ? ? ? 1_555 H NH2 9 N  ? ? H THR 708 H NH2 709 1_555 ? ? ? ? ? ? ? 1.326 ? ? 
# 
loop_
_struct_conn_type.id 
_struct_conn_type.criteria 
_struct_conn_type.reference 
disulf ? ? 
covale ? ? 
# 
loop_
_pdbx_modification_feature.ordinal 
_pdbx_modification_feature.label_comp_id 
_pdbx_modification_feature.label_asym_id 
_pdbx_modification_feature.label_seq_id 
_pdbx_modification_feature.label_alt_id 
_pdbx_modification_feature.modified_residue_label_comp_id 
_pdbx_modification_feature.modified_residue_label_asym_id 
_pdbx_modification_feature.modified_residue_label_seq_id 
_pdbx_modification_feature.modified_residue_label_alt_id 
_pdbx_modification_feature.auth_comp_id 
_pdbx_modification_feature.auth_asym_id 
_pdbx_modification_feature.auth_seq_id 
_pdbx_modification_feature.PDB_ins_code 
_pdbx_modification_feature.symmetry 
_pdbx_modification_feature.modified_residue_auth_comp_id 
_pdbx_modification_feature.modified_residue_auth_asym_id 
_pdbx_modification_feature.modified_residue_auth_seq_id 
_pdbx_modification_feature.modified_residue_PDB_ins_code 
_pdbx_modification_feature.modified_residue_symmetry 
_pdbx_modification_feature.comp_id_linking_atom 
_pdbx_modification_feature.modified_residue_id_linking_atom 
_pdbx_modification_feature.modified_residue_id 
_pdbx_modification_feature.ref_pcm_id 
_pdbx_modification_feature.ref_comp_id 
_pdbx_modification_feature.type 
_pdbx_modification_feature.category 
1  4J2 A 1 ? .   . . . 4J2 A 1   ? 1_555 .   . .   . .     .  .  ?   1 4J2 None 'Non-standard residue' 
2  4J2 B 1 ? .   . . . 4J2 B 101 ? 1_555 .   . .   . .     .  .  ?   1 4J2 None 'Non-standard residue' 
3  4J2 C 1 ? .   . . . 4J2 C 201 ? 1_555 .   . .   . .     .  .  ?   1 4J2 None 'Non-standard residue' 
4  4J2 D 1 ? .   . . . 4J2 D 301 ? 1_555 .   . .   . .     .  .  ?   1 4J2 None 'Non-standard residue' 
5  4J2 E 1 ? .   . . . 4J2 E 401 ? 1_555 .   . .   . .     .  .  ?   1 4J2 None 'Non-standard residue' 
6  4J2 F 1 ? .   . . . 4J2 F 501 ? 1_555 .   . .   . .     .  .  ?   1 4J2 None 'Non-standard residue' 
7  4J2 G 1 ? .   . . . 4J2 G 601 ? 1_555 .   . .   . .     .  .  ?   1 4J2 None 'Non-standard residue' 
8  4J2 H 1 ? .   . . . 4J2 H 701 ? 1_555 .   . .   . .     .  .  ?   1 4J2 None 'Non-standard residue' 
9  NH2 A 9 ? THR A 8 ? NH2 A 9   ? 1_555 THR A 8   ? 1_555 .  .  THR 7 NH2 None 'Terminal amidation'   
10 NH2 B 9 ? THR B 8 ? NH2 B 109 ? 1_555 THR B 108 ? 1_555 .  .  THR 7 NH2 None 'Terminal amidation'   
11 NH2 C 9 ? THR C 8 ? NH2 C 209 ? 1_555 THR C 208 ? 1_555 .  .  THR 7 NH2 None 'Terminal amidation'   
12 NH2 D 9 ? THR D 8 ? NH2 D 309 ? 1_555 THR D 308 ? 1_555 .  .  THR 7 NH2 None 'Terminal amidation'   
13 NH2 E 9 ? THR E 8 ? NH2 E 409 ? 1_555 THR E 408 ? 1_555 .  .  THR 7 NH2 None 'Terminal amidation'   
14 NH2 F 9 ? THR F 8 ? NH2 F 509 ? 1_555 THR F 508 ? 1_555 .  .  THR 7 NH2 None 'Terminal amidation'   
15 NH2 G 9 ? THR G 8 ? NH2 G 609 ? 1_555 THR G 608 ? 1_555 .  .  THR 7 NH2 None 'Terminal amidation'   
16 NH2 H 9 ? THR H 8 ? NH2 H 709 ? 1_555 THR H 708 ? 1_555 .  .  THR 7 NH2 None 'Terminal amidation'   
17 CYS A 2 ? CYS A 7 ? CYS A 2   ? 1_555 CYS A 7   ? 1_555 SG SG .   . .   None 'Disulfide bridge'     
18 CYS B 2 ? CYS B 7 ? CYS B 102 ? 1_555 CYS B 107 ? 1_555 SG SG .   . .   None 'Disulfide bridge'     
19 CYS C 2 ? CYS C 7 ? CYS C 202 ? 1_555 CYS C 207 ? 1_555 SG SG .   . .   None 'Disulfide bridge'     
20 CYS D 2 ? CYS D 7 ? CYS D 302 ? 1_555 CYS D 307 ? 1_555 SG SG .   . .   None 'Disulfide bridge'     
21 CYS E 2 ? CYS E 7 ? CYS E 402 ? 1_555 CYS E 407 ? 1_555 SG SG .   . .   None 'Disulfide bridge'     
22 CYS F 2 ? CYS F 7 ? CYS F 502 ? 1_555 CYS F 507 ? 1_555 SG SG .   . .   None 'Disulfide bridge'     
23 CYS G 2 ? CYS G 7 ? CYS G 602 ? 1_555 CYS G 607 ? 1_555 SG SG .   . .   None 'Disulfide bridge'     
24 CYS H 2 ? CYS H 7 ? CYS H 702 ? 1_555 CYS H 707 ? 1_555 SG SG .   . .   None 'Disulfide bridge'     
# 
loop_
_struct_sheet.id 
_struct_sheet.type 
_struct_sheet.number_strands 
_struct_sheet.details 
AA1 ? 2 ? 
AA2 ? 4 ? 
AA3 ? 2 ? 
AA4 ? 2 ? 
AA5 ? 4 ? 
AA6 ? 2 ? 
# 
loop_
_struct_sheet_order.sheet_id 
_struct_sheet_order.range_id_1 
_struct_sheet_order.range_id_2 
_struct_sheet_order.offset 
_struct_sheet_order.sense 
AA1 1 2 ? anti-parallel 
AA2 1 2 ? anti-parallel 
AA2 2 3 ? anti-parallel 
AA2 3 4 ? anti-parallel 
AA3 1 2 ? anti-parallel 
AA4 1 2 ? anti-parallel 
AA5 1 2 ? anti-parallel 
AA5 2 3 ? anti-parallel 
AA5 3 4 ? anti-parallel 
AA6 1 2 ? anti-parallel 
# 
loop_
_struct_sheet_range.sheet_id 
_struct_sheet_range.id 
_struct_sheet_range.beg_label_comp_id 
_struct_sheet_range.beg_label_asym_id 
_struct_sheet_range.beg_label_seq_id 
_struct_sheet_range.pdbx_beg_PDB_ins_code 
_struct_sheet_range.end_label_comp_id 
_struct_sheet_range.end_label_asym_id 
_struct_sheet_range.end_label_seq_id 
_struct_sheet_range.pdbx_end_PDB_ins_code 
_struct_sheet_range.beg_auth_comp_id 
_struct_sheet_range.beg_auth_asym_id 
_struct_sheet_range.beg_auth_seq_id 
_struct_sheet_range.end_auth_comp_id 
_struct_sheet_range.end_auth_asym_id 
_struct_sheet_range.end_auth_seq_id 
AA1 1 CYS A 2 ? TYR A 3 ? CYS A 2   TYR A 3   
AA1 2 VAL A 6 ? CYS A 7 ? VAL A 6   CYS A 7   
AA2 1 CYS B 2 ? TYR B 3 ? CYS B 102 TYR B 103 
AA2 2 VAL B 6 ? NH2 B 9 ? VAL B 106 NH2 B 109 
AA2 3 VAL C 6 ? CYS C 7 ? VAL C 206 CYS C 207 
AA2 4 CYS C 2 ? TYR C 3 ? CYS C 202 TYR C 203 
AA3 1 CYS D 2 ? TYR D 3 ? CYS D 302 TYR D 303 
AA3 2 VAL D 6 ? CYS D 7 ? VAL D 306 CYS D 307 
AA4 1 CYS E 2 ? TYR E 3 ? CYS E 402 TYR E 403 
AA4 2 VAL E 6 ? CYS E 7 ? VAL E 406 CYS E 407 
AA5 1 CYS F 2 ? TYR F 3 ? CYS F 502 TYR F 503 
AA5 2 VAL F 6 ? NH2 F 9 ? VAL F 506 NH2 F 509 
AA5 3 VAL G 6 ? CYS G 7 ? VAL G 606 CYS G 607 
AA5 4 CYS G 2 ? TYR G 3 ? CYS G 602 TYR G 603 
AA6 1 CYS H 2 ? TYR H 3 ? CYS H 702 TYR H 703 
AA6 2 VAL H 6 ? CYS H 7 ? VAL H 706 CYS H 707 
# 
loop_
_pdbx_struct_sheet_hbond.sheet_id 
_pdbx_struct_sheet_hbond.range_id_1 
_pdbx_struct_sheet_hbond.range_id_2 
_pdbx_struct_sheet_hbond.range_1_label_atom_id 
_pdbx_struct_sheet_hbond.range_1_label_comp_id 
_pdbx_struct_sheet_hbond.range_1_label_asym_id 
_pdbx_struct_sheet_hbond.range_1_label_seq_id 
_pdbx_struct_sheet_hbond.range_1_PDB_ins_code 
_pdbx_struct_sheet_hbond.range_1_auth_atom_id 
_pdbx_struct_sheet_hbond.range_1_auth_comp_id 
_pdbx_struct_sheet_hbond.range_1_auth_asym_id 
_pdbx_struct_sheet_hbond.range_1_auth_seq_id 
_pdbx_struct_sheet_hbond.range_2_label_atom_id 
_pdbx_struct_sheet_hbond.range_2_label_comp_id 
_pdbx_struct_sheet_hbond.range_2_label_asym_id 
_pdbx_struct_sheet_hbond.range_2_label_seq_id 
_pdbx_struct_sheet_hbond.range_2_PDB_ins_code 
_pdbx_struct_sheet_hbond.range_2_auth_atom_id 
_pdbx_struct_sheet_hbond.range_2_auth_comp_id 
_pdbx_struct_sheet_hbond.range_2_auth_asym_id 
_pdbx_struct_sheet_hbond.range_2_auth_seq_id 
AA1 1 2 N TYR A 3 ? N TYR A 3   O VAL A 6 ? O VAL A 6   
AA2 1 2 N TYR B 3 ? N TYR B 103 O VAL B 6 ? O VAL B 106 
AA2 2 3 N CYS B 7 ? N CYS B 107 O CYS C 7 ? O CYS C 207 
AA2 3 4 O VAL C 6 ? O VAL C 206 N TYR C 3 ? N TYR C 203 
AA3 1 2 N TYR D 3 ? N TYR D 303 O VAL D 6 ? O VAL D 306 
AA4 1 2 N TYR E 3 ? N TYR E 403 O VAL E 6 ? O VAL E 406 
AA5 1 2 N TYR F 3 ? N TYR F 503 O VAL F 6 ? O VAL F 506 
AA5 2 3 N CYS F 7 ? N CYS F 507 O CYS G 7 ? O CYS G 607 
AA5 3 4 O VAL G 6 ? O VAL G 606 N TYR G 3 ? N TYR G 603 
AA6 1 2 N TYR H 3 ? N TYR H 703 O VAL H 6 ? O VAL H 706 
# 
_pdbx_entry_details.entry_id                   7Q5A 
_pdbx_entry_details.nonpolymer_details         ? 
_pdbx_entry_details.sequence_details           ? 
_pdbx_entry_details.compound_details           ? 
_pdbx_entry_details.source_details             ? 
_pdbx_entry_details.has_ligand_of_interest     N 
_pdbx_entry_details.has_protein_modification   Y 
# 
loop_
_pdbx_validate_torsion.id 
_pdbx_validate_torsion.PDB_model_num 
_pdbx_validate_torsion.auth_comp_id 
_pdbx_validate_torsion.auth_asym_id 
_pdbx_validate_torsion.auth_seq_id 
_pdbx_validate_torsion.PDB_ins_code 
_pdbx_validate_torsion.label_alt_id 
_pdbx_validate_torsion.phi 
_pdbx_validate_torsion.psi 
1 1 DTR A 4   ? ? 59.74 -109.23 
2 1 DTR C 204 ? ? 52.53 -100.03 
3 1 DTR D 304 ? ? 53.28 -104.40 
4 1 DTR E 404 ? ? 61.27 -95.93  
5 1 DTR F 504 ? ? 55.82 -97.33  
# 
_space_group_symop.id              1 
_space_group_symop.operation_xyz   x,y,z 
# 
_em_3d_fitting.entry_id          7Q5A 
_em_3d_fitting.id                1 
_em_3d_fitting.details           ? 
_em_3d_fitting.overall_b_value   ? 
_em_3d_fitting.ref_protocol      OTHER 
_em_3d_fitting.ref_space         REAL 
_em_3d_fitting.target_criteria   ? 
_em_3d_fitting.method            ? 
# 
_em_3d_reconstruction.entry_id                    7Q5A 
_em_3d_reconstruction.id                          1 
_em_3d_reconstruction.algorithm                   ? 
_em_3d_reconstruction.details                     ? 
_em_3d_reconstruction.refinement_type             ? 
_em_3d_reconstruction.image_processing_id         1 
_em_3d_reconstruction.num_class_averages          20 
_em_3d_reconstruction.num_particles               2264921 
_em_3d_reconstruction.resolution                  2.46 
_em_3d_reconstruction.resolution_method           'FSC 0.143 CUT-OFF' 
_em_3d_reconstruction.symmetry_type               HELICAL 
_em_3d_reconstruction.method                      ? 
_em_3d_reconstruction.nominal_pixel_size          ? 
_em_3d_reconstruction.actual_pixel_size           ? 
_em_3d_reconstruction.magnification_calibration   ? 
# 
_em_buffer.id            1 
_em_buffer.details       ? 
_em_buffer.pH            6 
_em_buffer.specimen_id   1 
_em_buffer.name          ? 
# 
_em_entity_assembly.id                   1 
_em_entity_assembly.parent_id            0 
_em_entity_assembly.details              ? 
_em_entity_assembly.name                 Lanreotide 
_em_entity_assembly.source               'MULTIPLE SOURCES' 
_em_entity_assembly.type                 COMPLEX 
_em_entity_assembly.entity_id_list       1 
_em_entity_assembly.synonym              ? 
_em_entity_assembly.oligomeric_details   ? 
# 
_em_image_scans.entry_id                7Q5A 
_em_image_scans.id                      1 
_em_image_scans.dimension_height        4092 
_em_image_scans.dimension_width         5760 
_em_image_scans.frames_per_image        ? 
_em_image_scans.image_recording_id      1 
_em_image_scans.sampling_size           ? 
_em_image_scans.scanner_model           ? 
_em_image_scans.used_frames_per_image   ? 
_em_image_scans.citation_id             ? 
_em_image_scans.number_digital_images   ? 
_em_image_scans.od_range                ? 
_em_image_scans.quant_bit_size          ? 
_em_image_scans.details                 ? 
# 
_em_imaging.id                              1 
_em_imaging.entry_id                        7Q5A 
_em_imaging.accelerating_voltage            300 
_em_imaging.alignment_procedure             ? 
_em_imaging.c2_aperture_diameter            100 
_em_imaging.calibrated_defocus_max          ? 
_em_imaging.calibrated_defocus_min          ? 
_em_imaging.calibrated_magnification        ? 
_em_imaging.cryogen                         NITROGEN 
_em_imaging.details                         ? 
_em_imaging.electron_source                 'FIELD EMISSION GUN' 
_em_imaging.illumination_mode               OTHER 
_em_imaging.microscope_model                'FEI TITAN KRIOS' 
_em_imaging.mode                            'BRIGHT FIELD' 
_em_imaging.nominal_cs                      2.7 
_em_imaging.nominal_defocus_max             2400 
_em_imaging.nominal_defocus_min             600 
_em_imaging.nominal_magnification           105000 
_em_imaging.recording_temperature_maximum   ? 
_em_imaging.recording_temperature_minimum   ? 
_em_imaging.residual_tilt                   ? 
_em_imaging.specimen_holder_model           ? 
_em_imaging.specimen_id                     1 
_em_imaging.citation_id                     ? 
_em_imaging.date                            ? 
_em_imaging.temperature                     ? 
_em_imaging.tilt_angle_min                  ? 
_em_imaging.tilt_angle_max                  ? 
_em_imaging.astigmatism                     ? 
_em_imaging.detector_distance               ? 
_em_imaging.electron_beam_tilt_params       ? 
_em_imaging.specimen_holder_type            ? 
# 
_em_sample_support.id               1 
_em_sample_support.specimen_id      1 
_em_sample_support.details          'Current intensity 15 mA' 
_em_sample_support.grid_material    ? 
_em_sample_support.grid_mesh_size   ? 
_em_sample_support.grid_type        'PELCO Ultrathin Carbon with Lacey Carbon' 
_em_sample_support.method           ? 
_em_sample_support.film_material    ? 
# 
_em_vitrification.id                    1 
_em_vitrification.specimen_id           1 
_em_vitrification.chamber_temperature   295 
_em_vitrification.cryogen_name          ETHANE 
_em_vitrification.details               'Blot for 30 seconds before plunging' 
_em_vitrification.humidity              100 
_em_vitrification.instrument            'FEI VITROBOT MARK IV' 
_em_vitrification.entry_id              7Q5A 
_em_vitrification.citation_id           ? 
_em_vitrification.method                ? 
_em_vitrification.temp                  ? 
_em_vitrification.time_resolved_state   ? 
# 
_em_experiment.entry_id                7Q5A 
_em_experiment.id                      1 
_em_experiment.aggregation_state       'HELICAL ARRAY' 
_em_experiment.reconstruction_method   HELICAL 
_em_experiment.entity_assembly_id      1 
# 
loop_
_chem_comp_atom.comp_id 
_chem_comp_atom.atom_id 
_chem_comp_atom.type_symbol 
_chem_comp_atom.pdbx_aromatic_flag 
_chem_comp_atom.pdbx_stereo_config 
_chem_comp_atom.pdbx_ordinal 
4J2 N    N N N 1   
4J2 CA   C N R 2   
4J2 CB   C N N 3   
4J2 CG   C Y N 4   
4J2 CD1  C Y N 5   
4J2 CD2  C Y N 6   
4J2 CE1  C Y N 7   
4J2 CZ1  C Y N 8   
4J2 CZ2  C Y N 9   
4J2 CZ3  C Y N 10  
4J2 CE2  C Y N 11  
4J2 CE3  C Y N 12  
4J2 CE4  C Y N 13  
4J2 HE1  H N N 14  
4J2 HE3  H N N 15  
4J2 HE4  H N N 16  
4J2 C    C N N 17  
4J2 O    O N N 18  
4J2 H    H N N 19  
4J2 H2   H N N 20  
4J2 HA   H N N 21  
4J2 HB2  H N N 22  
4J2 HB1  H N N 23  
4J2 HD1  H N N 24  
4J2 HD2  H N N 25  
4J2 HZ2  H N N 26  
4J2 HZ23 H N N 27  
4J2 OXT  O N N 28  
4J2 HXT  H N N 29  
CYS N    N N N 30  
CYS CA   C N R 31  
CYS C    C N N 32  
CYS O    O N N 33  
CYS CB   C N N 34  
CYS SG   S N N 35  
CYS OXT  O N N 36  
CYS H    H N N 37  
CYS H2   H N N 38  
CYS HA   H N N 39  
CYS HB2  H N N 40  
CYS HB3  H N N 41  
CYS HG   H N N 42  
CYS HXT  H N N 43  
DTR N    N N N 44  
DTR CA   C N R 45  
DTR CB   C N N 46  
DTR CG   C Y N 47  
DTR CD1  C Y N 48  
DTR NE1  N Y N 49  
DTR CE2  C Y N 50  
DTR CZ2  C Y N 51  
DTR CH2  C Y N 52  
DTR CZ3  C Y N 53  
DTR CE3  C Y N 54  
DTR CD2  C Y N 55  
DTR C    C N N 56  
DTR O    O N N 57  
DTR OXT  O N N 58  
DTR H    H N N 59  
DTR H2   H N N 60  
DTR HA   H N N 61  
DTR HB2  H N N 62  
DTR HB3  H N N 63  
DTR HD1  H N N 64  
DTR HE1  H N N 65  
DTR HZ2  H N N 66  
DTR HH2  H N N 67  
DTR HZ3  H N N 68  
DTR HE3  H N N 69  
DTR HXT  H N N 70  
LYS N    N N N 71  
LYS CA   C N S 72  
LYS C    C N N 73  
LYS O    O N N 74  
LYS CB   C N N 75  
LYS CG   C N N 76  
LYS CD   C N N 77  
LYS CE   C N N 78  
LYS NZ   N N N 79  
LYS OXT  O N N 80  
LYS H    H N N 81  
LYS H2   H N N 82  
LYS HA   H N N 83  
LYS HB2  H N N 84  
LYS HB3  H N N 85  
LYS HG2  H N N 86  
LYS HG3  H N N 87  
LYS HD2  H N N 88  
LYS HD3  H N N 89  
LYS HE2  H N N 90  
LYS HE3  H N N 91  
LYS HZ1  H N N 92  
LYS HZ2  H N N 93  
LYS HZ3  H N N 94  
LYS HXT  H N N 95  
NH2 N    N N N 96  
NH2 HN1  H N N 97  
NH2 HN2  H N N 98  
THR N    N N N 99  
THR CA   C N S 100 
THR C    C N N 101 
THR O    O N N 102 
THR CB   C N R 103 
THR OG1  O N N 104 
THR CG2  C N N 105 
THR OXT  O N N 106 
THR H    H N N 107 
THR H2   H N N 108 
THR HA   H N N 109 
THR HB   H N N 110 
THR HG1  H N N 111 
THR HG21 H N N 112 
THR HG22 H N N 113 
THR HG23 H N N 114 
THR HXT  H N N 115 
TYR N    N N N 116 
TYR CA   C N S 117 
TYR C    C N N 118 
TYR O    O N N 119 
TYR CB   C N N 120 
TYR CG   C Y N 121 
TYR CD1  C Y N 122 
TYR CD2  C Y N 123 
TYR CE1  C Y N 124 
TYR CE2  C Y N 125 
TYR CZ   C Y N 126 
TYR OH   O N N 127 
TYR OXT  O N N 128 
TYR H    H N N 129 
TYR H2   H N N 130 
TYR HA   H N N 131 
TYR HB2  H N N 132 
TYR HB3  H N N 133 
TYR HD1  H N N 134 
TYR HD2  H N N 135 
TYR HE1  H N N 136 
TYR HE2  H N N 137 
TYR HH   H N N 138 
TYR HXT  H N N 139 
VAL N    N N N 140 
VAL CA   C N S 141 
VAL C    C N N 142 
VAL O    O N N 143 
VAL CB   C N N 144 
VAL CG1  C N N 145 
VAL CG2  C N N 146 
VAL OXT  O N N 147 
VAL H    H N N 148 
VAL H2   H N N 149 
VAL HA   H N N 150 
VAL HB   H N N 151 
VAL HG11 H N N 152 
VAL HG12 H N N 153 
VAL HG13 H N N 154 
VAL HG21 H N N 155 
VAL HG22 H N N 156 
VAL HG23 H N N 157 
VAL HXT  H N N 158 
# 
loop_
_chem_comp_bond.comp_id 
_chem_comp_bond.atom_id_1 
_chem_comp_bond.atom_id_2 
_chem_comp_bond.value_order 
_chem_comp_bond.pdbx_aromatic_flag 
_chem_comp_bond.pdbx_stereo_config 
_chem_comp_bond.pdbx_ordinal 
4J2 N   CA   sing N N 1   
4J2 CA  CB   sing N N 2   
4J2 CA  C    sing N N 3   
4J2 CB  CG   sing N N 4   
4J2 CG  CD1  doub Y N 5   
4J2 CG  CD2  sing Y N 6   
4J2 CD1 CE1  sing Y N 7   
4J2 CD2 CE2  doub Y N 8   
4J2 CE1 CZ1  doub Y N 9   
4J2 CE1 HE1  sing N N 10  
4J2 CZ1 CZ2  sing Y N 11  
4J2 CZ1 CE2  sing Y N 12  
4J2 CZ2 CZ3  doub Y N 13  
4J2 CZ3 CE4  sing Y N 14  
4J2 CE2 CE3  sing Y N 15  
4J2 CE3 CE4  doub Y N 16  
4J2 CE3 HE3  sing N N 17  
4J2 CE4 HE4  sing N N 18  
4J2 C   O    doub N N 19  
4J2 N   H    sing N N 20  
4J2 N   H2   sing N N 21  
4J2 CA  HA   sing N N 22  
4J2 CB  HB2  sing N N 23  
4J2 CB  HB1  sing N N 24  
4J2 CD1 HD1  sing N N 25  
4J2 CD2 HD2  sing N N 26  
4J2 CZ2 HZ2  sing N N 27  
4J2 CZ3 HZ23 sing N N 28  
4J2 C   OXT  sing N N 29  
4J2 OXT HXT  sing N N 30  
CYS N   CA   sing N N 31  
CYS N   H    sing N N 32  
CYS N   H2   sing N N 33  
CYS CA  C    sing N N 34  
CYS CA  CB   sing N N 35  
CYS CA  HA   sing N N 36  
CYS C   O    doub N N 37  
CYS C   OXT  sing N N 38  
CYS CB  SG   sing N N 39  
CYS CB  HB2  sing N N 40  
CYS CB  HB3  sing N N 41  
CYS SG  HG   sing N N 42  
CYS OXT HXT  sing N N 43  
DTR N   CA   sing N N 44  
DTR N   H    sing N N 45  
DTR N   H2   sing N N 46  
DTR CA  CB   sing N N 47  
DTR CA  C    sing N N 48  
DTR CA  HA   sing N N 49  
DTR CB  CG   sing N N 50  
DTR CB  HB2  sing N N 51  
DTR CB  HB3  sing N N 52  
DTR CG  CD1  doub Y N 53  
DTR CG  CD2  sing Y N 54  
DTR CD1 NE1  sing Y N 55  
DTR CD1 HD1  sing N N 56  
DTR NE1 CE2  sing Y N 57  
DTR NE1 HE1  sing N N 58  
DTR CE2 CZ2  doub Y N 59  
DTR CE2 CD2  sing Y N 60  
DTR CZ2 CH2  sing Y N 61  
DTR CZ2 HZ2  sing N N 62  
DTR CH2 CZ3  doub Y N 63  
DTR CH2 HH2  sing N N 64  
DTR CZ3 CE3  sing Y N 65  
DTR CZ3 HZ3  sing N N 66  
DTR CE3 CD2  doub Y N 67  
DTR CE3 HE3  sing N N 68  
DTR C   O    doub N N 69  
DTR C   OXT  sing N N 70  
DTR OXT HXT  sing N N 71  
LYS N   CA   sing N N 72  
LYS N   H    sing N N 73  
LYS N   H2   sing N N 74  
LYS CA  C    sing N N 75  
LYS CA  CB   sing N N 76  
LYS CA  HA   sing N N 77  
LYS C   O    doub N N 78  
LYS C   OXT  sing N N 79  
LYS CB  CG   sing N N 80  
LYS CB  HB2  sing N N 81  
LYS CB  HB3  sing N N 82  
LYS CG  CD   sing N N 83  
LYS CG  HG2  sing N N 84  
LYS CG  HG3  sing N N 85  
LYS CD  CE   sing N N 86  
LYS CD  HD2  sing N N 87  
LYS CD  HD3  sing N N 88  
LYS CE  NZ   sing N N 89  
LYS CE  HE2  sing N N 90  
LYS CE  HE3  sing N N 91  
LYS NZ  HZ1  sing N N 92  
LYS NZ  HZ2  sing N N 93  
LYS NZ  HZ3  sing N N 94  
LYS OXT HXT  sing N N 95  
NH2 N   HN1  sing N N 96  
NH2 N   HN2  sing N N 97  
THR N   CA   sing N N 98  
THR N   H    sing N N 99  
THR N   H2   sing N N 100 
THR CA  C    sing N N 101 
THR CA  CB   sing N N 102 
THR CA  HA   sing N N 103 
THR C   O    doub N N 104 
THR C   OXT  sing N N 105 
THR CB  OG1  sing N N 106 
THR CB  CG2  sing N N 107 
THR CB  HB   sing N N 108 
THR OG1 HG1  sing N N 109 
THR CG2 HG21 sing N N 110 
THR CG2 HG22 sing N N 111 
THR CG2 HG23 sing N N 112 
THR OXT HXT  sing N N 113 
TYR N   CA   sing N N 114 
TYR N   H    sing N N 115 
TYR N   H2   sing N N 116 
TYR CA  C    sing N N 117 
TYR CA  CB   sing N N 118 
TYR CA  HA   sing N N 119 
TYR C   O    doub N N 120 
TYR C   OXT  sing N N 121 
TYR CB  CG   sing N N 122 
TYR CB  HB2  sing N N 123 
TYR CB  HB3  sing N N 124 
TYR CG  CD1  doub Y N 125 
TYR CG  CD2  sing Y N 126 
TYR CD1 CE1  sing Y N 127 
TYR CD1 HD1  sing N N 128 
TYR CD2 CE2  doub Y N 129 
TYR CD2 HD2  sing N N 130 
TYR CE1 CZ   doub Y N 131 
TYR CE1 HE1  sing N N 132 
TYR CE2 CZ   sing Y N 133 
TYR CE2 HE2  sing N N 134 
TYR CZ  OH   sing N N 135 
TYR OH  HH   sing N N 136 
TYR OXT HXT  sing N N 137 
VAL N   CA   sing N N 138 
VAL N   H    sing N N 139 
VAL N   H2   sing N N 140 
VAL CA  C    sing N N 141 
VAL CA  CB   sing N N 142 
VAL CA  HA   sing N N 143 
VAL C   O    doub N N 144 
VAL C   OXT  sing N N 145 
VAL CB  CG1  sing N N 146 
VAL CB  CG2  sing N N 147 
VAL CB  HB   sing N N 148 
VAL CG1 HG11 sing N N 149 
VAL CG1 HG12 sing N N 150 
VAL CG1 HG13 sing N N 151 
VAL CG2 HG21 sing N N 152 
VAL CG2 HG22 sing N N 153 
VAL CG2 HG23 sing N N 154 
VAL OXT HXT  sing N N 155 
# 
_em_admin.entry_id           7Q5A 
_em_admin.current_status     REL 
_em_admin.deposition_date    2021-11-03 
_em_admin.deposition_site    PDBE 
_em_admin.last_update        2024-11-13 
_em_admin.map_release_date   2022-04-06 
_em_admin.title              'Lanreotide nanotube' 
# 
_em_buffer_component.buffer_id             1 
_em_buffer_component.id                    1 
_em_buffer_component.concentration         40 
_em_buffer_component.concentration_units   mg/ml 
_em_buffer_component.formula               ? 
_em_buffer_component.name                  'Pure water' 
# 
_em_ctf_correction.id                       1 
_em_ctf_correction.em_image_processing_id   1 
_em_ctf_correction.type                     'PHASE FLIPPING AND AMPLITUDE CORRECTION' 
_em_ctf_correction.details                  ? 
# 
_em_entity_assembly_molwt.entity_assembly_id   1 
_em_entity_assembly_molwt.id                   1 
_em_entity_assembly_molwt.experimental_flag    NO 
_em_entity_assembly_molwt.units                KILODALTONS/NANOMETER 
_em_entity_assembly_molwt.value                1.096 
# 
_em_entity_assembly_naturalsource.cell                 ? 
_em_entity_assembly_naturalsource.cellular_location    ? 
_em_entity_assembly_naturalsource.entity_assembly_id   1 
_em_entity_assembly_naturalsource.id                   1 
_em_entity_assembly_naturalsource.ncbi_tax_id          9606 
_em_entity_assembly_naturalsource.organ                ? 
_em_entity_assembly_naturalsource.organelle            ? 
_em_entity_assembly_naturalsource.organism             'Homo sapiens' 
_em_entity_assembly_naturalsource.strain               ? 
_em_entity_assembly_naturalsource.tissue               ? 
# 
_em_entity_assembly_recombinant.cell                 ? 
_em_entity_assembly_recombinant.entity_assembly_id   1 
_em_entity_assembly_recombinant.id                   1 
_em_entity_assembly_recombinant.ncbi_tax_id          32630 
_em_entity_assembly_recombinant.organism             'synthetic construct' 
_em_entity_assembly_recombinant.plasmid              ? 
_em_entity_assembly_recombinant.strain               ? 
# 
_em_helical_entity.id                             1 
_em_helical_entity.image_processing_id            1 
_em_helical_entity.angular_rotation_per_subunit   26.219 
_em_helical_entity.axial_rise_per_subunit         1.040 
_em_helical_entity.axial_symmetry                 C1 
_em_helical_entity.details                        ? 
# 
_em_image_processing.id                   1 
_em_image_processing.image_recording_id   1 
_em_image_processing.details              ? 
# 
_em_image_recording.id                                  1 
_em_image_recording.imaging_id                          1 
_em_image_recording.avg_electron_dose_per_image         39 
_em_image_recording.average_exposure_time               1.69 
_em_image_recording.details                             ? 
_em_image_recording.detector_mode                       ? 
_em_image_recording.film_or_detector_model              'GATAN K3 BIOQUANTUM (6k x 4k)' 
_em_image_recording.num_diffraction_images              ? 
_em_image_recording.num_grids_imaged                    1 
_em_image_recording.num_real_images                     19497 
_em_image_recording.avg_electron_dose_per_subtomogram   ? 
# 
_em_imaging_optics.id                         1 
_em_imaging_optics.imaging_id                 1 
_em_imaging_optics.chr_aberration_corrector   'No corrector' 
_em_imaging_optics.energyfilter_lower         ? 
_em_imaging_optics.energyfilter_name          'GIF Bioquantum' 
_em_imaging_optics.energyfilter_upper         ? 
_em_imaging_optics.energyfilter_slit_width    20 
_em_imaging_optics.phase_plate                ? 
_em_imaging_optics.sph_aberration_corrector   'No corrector' 
_em_imaging_optics.details                    'Bioquantum + K3 camera' 
# 
_em_particle_selection.id                       1 
_em_particle_selection.image_processing_id      1 
_em_particle_selection.details                  'Template-based picking' 
_em_particle_selection.method                   ? 
_em_particle_selection.num_particles_selected   5109922 
_em_particle_selection.reference_model          ? 
# 
loop_
_em_software.id 
_em_software.category 
_em_software.details 
_em_software.name 
_em_software.version 
_em_software.image_processing_id 
_em_software.fitting_id 
_em_software.imaging_id 
1  'PARTICLE SELECTION'       ?                  cryoSPARC 3.2           1 ? ? 
2  'IMAGE ACQUISITION'        'FEI Thermofisher' EPU       2.12.1.278REL ? ? 1 
3  MASKING                    ?                  ?         ?             ? ? ? 
4  'CTF CORRECTION'           ?                  cryoSPARC 3.2           1 ? ? 
5  'LAYERLINE INDEXING'       ?                  ?         ?             ? ? ? 
6  'DIFFRACTION INDEXING'     ?                  ?         ?             ? ? ? 
7  'MODEL FITTING'            ?                  Coot      ?             ? 1 ? 
8  OTHER                      ?                  ?         ?             ? ? ? 
9  'MODEL REFINEMENT'         ?                  PHENIX    ?             ? 1 ? 
10 'INITIAL EULER ASSIGNMENT' ?                  cryoSPARC 3.2           1 ? ? 
11 'FINAL EULER ASSIGNMENT'   ?                  cryoSPARC 3.2           1 ? ? 
12 CLASSIFICATION             ?                  cryoSPARC 3.2           1 ? ? 
13 RECONSTRUCTION             ?                  cryoSPARC 3.2           1 ? ? 
# 
_em_specimen.id                      1 
_em_specimen.experiment_id           1 
_em_specimen.concentration           20 
_em_specimen.details                 ? 
_em_specimen.embedding_applied       NO 
_em_specimen.shadowing_applied       NO 
_em_specimen.staining_applied        NO 
_em_specimen.vitrification_applied   YES 
# 
loop_
_pdbx_audit_support.funding_organization 
_pdbx_audit_support.country 
_pdbx_audit_support.grant_number 
_pdbx_audit_support.ordinal 
'French Infrastructure for Integrated Structural Biology (FRISBI)'                         France          ANR-10-INSB-05-01 1 
'National Institutes of Health/National Institute of General Medical Sciences (NIH/NIGMS)' 'United States' GM122510          2 
'National Institutes of Health/National Institute of General Medical Sciences (NIH/NIGMS)' 'United States' K99GM138756       3 
# 
_space_group.crystal_system   triclinic 
_space_group.name_H-M_alt     'P 1' 
_space_group.IT_number        1 
_space_group.name_Hall        'P 1' 
_space_group.id               1 
# 
_atom_sites.entry_id                    7Q5A 
_atom_sites.Cartn_transf_matrix[1][1]   ? 
_atom_sites.Cartn_transf_matrix[1][2]   ? 
_atom_sites.Cartn_transf_matrix[1][3]   ? 
_atom_sites.Cartn_transf_matrix[2][1]   ? 
_atom_sites.Cartn_transf_matrix[2][2]   ? 
_atom_sites.Cartn_transf_matrix[2][3]   ? 
_atom_sites.Cartn_transf_matrix[3][1]   ? 
_atom_sites.Cartn_transf_matrix[3][2]   ? 
_atom_sites.Cartn_transf_matrix[3][3]   ? 
_atom_sites.Cartn_transf_vector[1]      ? 
_atom_sites.Cartn_transf_vector[2]      ? 
_atom_sites.Cartn_transf_vector[3]      ? 
_atom_sites.fract_transf_matrix[1][1]   1.000000 
_atom_sites.fract_transf_matrix[1][2]   0.000000 
_atom_sites.fract_transf_matrix[1][3]   0.000000 
_atom_sites.fract_transf_matrix[2][1]   0.000000 
_atom_sites.fract_transf_matrix[2][2]   1.000000 
_atom_sites.fract_transf_matrix[2][3]   0.000000 
_atom_sites.fract_transf_matrix[3][1]   0.000000 
_atom_sites.fract_transf_matrix[3][2]   0.000000 
_atom_sites.fract_transf_matrix[3][3]   1.000000 
_atom_sites.fract_transf_vector[1]      0.00000 
_atom_sites.fract_transf_vector[2]      0.00000 
_atom_sites.fract_transf_vector[3]      0.00000 
_atom_sites.solution_primary            ? 
_atom_sites.solution_secondary          ? 
_atom_sites.solution_hydrogens          ? 
_atom_sites.special_details             ? 
# 
loop_
_atom_type.symbol 
C 
N 
O 
S 
# 
loop_
_atom_site.group_PDB 
_atom_site.id 
_atom_site.type_symbol 
_atom_site.label_atom_id 
_atom_site.label_alt_id 
_atom_site.label_comp_id 
_atom_site.label_asym_id 
_atom_site.label_entity_id 
_atom_site.label_seq_id 
_atom_site.pdbx_PDB_ins_code 
_atom_site.Cartn_x 
_atom_site.Cartn_y 
_atom_site.Cartn_z 
_atom_site.occupancy 
_atom_site.B_iso_or_equiv 
_atom_site.pdbx_formal_charge 
_atom_site.auth_seq_id 
_atom_site.auth_comp_id 
_atom_site.auth_asym_id 
_atom_site.auth_atom_id 
_atom_site.pdbx_PDB_model_num 
HETATM 1   N N   . 4J2 A 1 1 ? 11.309  9.241   8.840   1.00 20.95 ? 1   4J2 A N   1 
HETATM 2   C CA  . 4J2 A 1 1 ? 10.773  10.476  9.466   1.00 20.95 ? 1   4J2 A CA  1 
HETATM 3   C CB  . 4J2 A 1 1 ? 10.356  10.211  10.915  1.00 20.95 ? 1   4J2 A CB  1 
HETATM 4   C CG  . 4J2 A 1 1 ? 9.256   9.203   11.130  1.00 20.95 ? 1   4J2 A CG  1 
HETATM 5   C CD1 . 4J2 A 1 1 ? 9.529   7.822   11.054  1.00 20.95 ? 1   4J2 A CD1 1 
HETATM 6   C CD2 . 4J2 A 1 1 ? 7.991   9.602   11.448  1.00 20.95 ? 1   4J2 A CD2 1 
HETATM 7   C CE1 . 4J2 A 1 1 ? 8.552   6.895   11.265  1.00 20.95 ? 1   4J2 A CE1 1 
HETATM 8   C CZ1 . 4J2 A 1 1 ? 7.239   7.294   11.590  1.00 20.95 ? 1   4J2 A CZ1 1 
HETATM 9   C CZ2 . 4J2 A 1 1 ? 6.193   6.363   11.830  1.00 20.95 ? 1   4J2 A CZ2 1 
HETATM 10  C CZ3 . 4J2 A 1 1 ? 4.945   6.785   12.151  1.00 20.95 ? 1   4J2 A CZ3 1 
HETATM 11  C CE2 . 4J2 A 1 1 ? 6.953   8.675   11.688  1.00 20.95 ? 1   4J2 A CE2 1 
HETATM 12  C CE3 . 4J2 A 1 1 ? 5.638   9.074   12.014  1.00 20.95 ? 1   4J2 A CE3 1 
HETATM 13  C CE4 . 4J2 A 1 1 ? 4.666   8.154   12.243  1.00 20.95 ? 1   4J2 A CE4 1 
HETATM 14  C C   . 4J2 A 1 1 ? 9.690   11.077  8.564   1.00 20.95 ? 1   4J2 A C   1 
HETATM 15  O O   . 4J2 A 1 1 ? 9.313   10.420  7.586   1.00 20.95 ? 1   4J2 A O   1 
ATOM   16  N N   . CYS A 1 2 ? 9.225   12.283  8.853   1.00 20.19 ? 2   CYS A N   1 
ATOM   17  C CA  . CYS A 1 2 ? 8.345   12.972  7.927   1.00 20.19 ? 2   CYS A CA  1 
ATOM   18  C C   . CYS A 1 2 ? 9.073   14.141  7.247   1.00 20.19 ? 2   CYS A C   1 
ATOM   19  O O   . CYS A 1 2 ? 10.100  14.591  7.729   1.00 20.19 ? 2   CYS A O   1 
ATOM   20  C CB  . CYS A 1 2 ? 7.084   13.448  8.650   1.00 20.19 ? 2   CYS A CB  1 
ATOM   21  S SG  . CYS A 1 2 ? 6.272   12.154  9.628   1.00 20.19 ? 2   CYS A SG  1 
ATOM   22  N N   . TYR A 1 3 ? 8.560   14.583  6.101   1.00 19.64 ? 3   TYR A N   1 
ATOM   23  C CA  . TYR A 1 3 ? 9.013   15.800  5.420   1.00 19.64 ? 3   TYR A CA  1 
ATOM   24  C C   . TYR A 1 3 ? 8.018   16.211  4.353   1.00 19.64 ? 3   TYR A C   1 
ATOM   25  O O   . TYR A 1 3 ? 7.450   15.383  3.676   1.00 19.64 ? 3   TYR A O   1 
ATOM   26  C CB  . TYR A 1 3 ? 10.418  15.649  4.811   1.00 19.64 ? 3   TYR A CB  1 
ATOM   27  C CG  . TYR A 1 3 ? 10.619  14.561  3.790   1.00 19.64 ? 3   TYR A CG  1 
ATOM   28  C CD1 . TYR A 1 3 ? 10.321  14.774  2.450   1.00 19.64 ? 3   TYR A CD1 1 
ATOM   29  C CD2 . TYR A 1 3 ? 11.160  13.345  4.153   1.00 19.64 ? 3   TYR A CD2 1 
ATOM   30  C CE1 . TYR A 1 3 ? 10.517  13.797  1.523   1.00 19.64 ? 3   TYR A CE1 1 
ATOM   31  C CE2 . TYR A 1 3 ? 11.355  12.364  3.228   1.00 19.64 ? 3   TYR A CE2 1 
ATOM   32  C CZ  . TYR A 1 3 ? 11.042  12.598  1.912   1.00 19.64 ? 3   TYR A CZ  1 
ATOM   33  O OH  . TYR A 1 3 ? 11.242  11.612  0.990   1.00 19.64 ? 3   TYR A OH  1 
HETATM 34  N N   . DTR A 1 4 ? 7.809   17.507  4.217   1.00 18.66 ? 4   DTR A N   1 
HETATM 35  C CA  . DTR A 1 4 ? 6.769   18.025  3.362   1.00 18.66 ? 4   DTR A CA  1 
HETATM 36  C CB  . DTR A 1 4 ? 6.775   19.554  3.375   1.00 18.66 ? 4   DTR A CB  1 
HETATM 37  C CG  . DTR A 1 4 ? 5.662   20.234  2.615   1.00 18.66 ? 4   DTR A CG  1 
HETATM 38  C CD1 . DTR A 1 4 ? 4.671   20.986  3.139   1.00 18.66 ? 4   DTR A CD1 1 
HETATM 39  N NE1 . DTR A 1 4 ? 3.859   21.464  2.155   1.00 18.66 ? 4   DTR A NE1 1 
HETATM 40  C CE2 . DTR A 1 4 ? 4.318   21.015  0.951   1.00 18.66 ? 4   DTR A CE2 1 
HETATM 41  C CZ2 . DTR A 1 4 ? 3.839   21.239  -0.332  1.00 18.66 ? 4   DTR A CZ2 1 
HETATM 42  C CH2 . DTR A 1 4 ? 4.528   20.679  -1.366  1.00 18.66 ? 4   DTR A CH2 1 
HETATM 43  C CZ3 . DTR A 1 4 ? 5.668   19.913  -1.151  1.00 18.66 ? 4   DTR A CZ3 1 
HETATM 44  C CE3 . DTR A 1 4 ? 6.146   19.691  0.115   1.00 18.66 ? 4   DTR A CE3 1 
HETATM 45  C CD2 . DTR A 1 4 ? 5.463   20.249  1.200   1.00 18.66 ? 4   DTR A CD2 1 
HETATM 46  C C   . DTR A 1 4 ? 5.443   17.494  3.850   1.00 18.66 ? 4   DTR A C   1 
HETATM 47  O O   . DTR A 1 4 ? 4.970   17.878  4.905   1.00 18.66 ? 4   DTR A O   1 
ATOM   48  N N   . LYS A 1 5 ? 4.844   16.589  3.087   1.00 19.43 ? 5   LYS A N   1 
ATOM   49  C CA  . LYS A 1 5 ? 3.544   16.050  3.443   1.00 19.43 ? 5   LYS A CA  1 
ATOM   50  C C   . LYS A 1 5 ? 3.501   14.537  3.458   1.00 19.43 ? 5   LYS A C   1 
ATOM   51  O O   . LYS A 1 5 ? 2.471   13.956  3.187   1.00 19.43 ? 5   LYS A O   1 
ATOM   52  C CB  . LYS A 1 5 ? 2.492   16.579  2.488   1.00 19.43 ? 5   LYS A CB  1 
ATOM   53  C CG  . LYS A 1 5 ? 2.202   18.020  2.661   1.00 19.43 ? 5   LYS A CG  1 
ATOM   54  C CD  . LYS A 1 5 ? 1.261   18.488  1.614   1.00 19.43 ? 5   LYS A CD  1 
ATOM   55  C CE  . LYS A 1 5 ? 0.548   19.725  2.056   1.00 19.43 ? 5   LYS A CE  1 
ATOM   56  N NZ  . LYS A 1 5 ? -0.290  20.257  0.962   1.00 19.43 ? 5   LYS A NZ  1 
ATOM   57  N N   . VAL A 1 6 ? 4.618   13.897  3.773   1.00 20.16 ? 6   VAL A N   1 
ATOM   58  C CA  . VAL A 1 6 ? 4.724   12.448  3.740   1.00 20.16 ? 6   VAL A CA  1 
ATOM   59  C C   . VAL A 1 6 ? 5.534   11.990  4.940   1.00 20.16 ? 6   VAL A C   1 
ATOM   60  O O   . VAL A 1 6 ? 6.421   12.696  5.416   1.00 20.16 ? 6   VAL A O   1 
ATOM   61  C CB  . VAL A 1 6 ? 5.371   11.925  2.423   1.00 20.16 ? 6   VAL A CB  1 
ATOM   62  C CG1 . VAL A 1 6 ? 4.587   12.369  1.222   1.00 20.16 ? 6   VAL A CG1 1 
ATOM   63  C CG2 . VAL A 1 6 ? 6.842   12.338  2.304   1.00 20.16 ? 6   VAL A CG2 1 
ATOM   64  N N   . CYS A 1 7 ? 5.235   10.798  5.421   1.00 21.15 ? 7   CYS A N   1 
ATOM   65  C CA  . CYS A 1 7 ? 6.092   10.099  6.358   1.00 21.15 ? 7   CYS A CA  1 
ATOM   66  C C   . CYS A 1 7 ? 6.477   8.770   5.736   1.00 21.15 ? 7   CYS A C   1 
ATOM   67  O O   . CYS A 1 7 ? 5.658   8.127   5.085   1.00 21.15 ? 7   CYS A O   1 
ATOM   68  C CB  . CYS A 1 7 ? 5.399   9.891   7.718   1.00 21.15 ? 7   CYS A CB  1 
ATOM   69  S SG  . CYS A 1 7 ? 4.757   11.404  8.486   1.00 21.15 ? 7   CYS A SG  1 
ATOM   70  N N   . THR A 1 8 ? 7.726   8.378   5.915   1.00 21.67 ? 8   THR A N   1 
ATOM   71  C CA  . THR A 1 8 ? 8.246   7.208   5.239   1.00 21.67 ? 8   THR A CA  1 
ATOM   72  C C   . THR A 1 8 ? 8.876   6.241   6.225   1.00 21.67 ? 8   THR A C   1 
ATOM   73  O O   . THR A 1 8 ? 9.148   6.592   7.360   1.00 21.67 ? 8   THR A O   1 
ATOM   74  C CB  . THR A 1 8 ? 9.283   7.592   4.153   1.00 21.67 ? 8   THR A CB  1 
ATOM   75  O OG1 . THR A 1 8 ? 10.471  8.092   4.769   1.00 21.67 ? 8   THR A OG1 1 
ATOM   76  C CG2 . THR A 1 8 ? 8.723   8.660   3.217   1.00 21.67 ? 8   THR A CG2 1 
HETATM 77  N N   . NH2 A 1 9 ? 9.098   5.012   5.781   1.00 21.54 ? 9   NH2 A N   1 
HETATM 78  N N   . 4J2 B 1 1 ? 12.118  2.428   -6.998  1.00 21.58 ? 101 4J2 B N   1 
HETATM 79  C CA  . 4J2 B 1 1 ? 11.136  2.037   -8.041  1.00 21.58 ? 101 4J2 B CA  1 
HETATM 80  C CB  . 4J2 B 1 1 ? 11.757  2.149   -9.438  1.00 21.58 ? 101 4J2 B CB  1 
HETATM 81  C CG  . 4J2 B 1 1 ? 12.344  3.486   -9.812  1.00 21.58 ? 101 4J2 B CG  1 
HETATM 82  C CD1 . 4J2 B 1 1 ? 13.572  3.900   -9.259  1.00 21.58 ? 101 4J2 B CD1 1 
HETATM 83  C CD2 . 4J2 B 1 1 ? 11.732  4.294   -10.724 1.00 21.58 ? 101 4J2 B CD2 1 
HETATM 84  C CE1 . 4J2 B 1 1 ? 14.133  5.094   -9.597  1.00 21.58 ? 101 4J2 B CE1 1 
HETATM 85  C CZ1 . 4J2 B 1 1 ? 13.509  5.942   -10.535 1.00 21.58 ? 101 4J2 B CZ1 1 
HETATM 86  C CZ2 . 4J2 B 1 1 ? 14.063  7.188   -10.925 1.00 21.58 ? 101 4J2 B CZ2 1 
HETATM 87  C CZ3 . 4J2 B 1 1 ? 13.436  7.976   -11.835 1.00 21.58 ? 101 4J2 B CZ3 1 
HETATM 88  C CE2 . 4J2 B 1 1 ? 12.285  5.533   -11.113 1.00 21.58 ? 101 4J2 B CE2 1 
HETATM 89  C CE3 . 4J2 B 1 1 ? 11.659  6.386   -12.051 1.00 21.58 ? 101 4J2 B CE3 1 
HETATM 90  C CE4 . 4J2 B 1 1 ? 12.222  7.570   -12.403 1.00 21.58 ? 101 4J2 B CE4 1 
HETATM 91  C C   . 4J2 B 1 1 ? 9.836   2.823   -7.845  1.00 21.58 ? 101 4J2 B C   1 
HETATM 92  O O   . 4J2 B 1 1 ? 9.811   3.690   -6.966  1.00 21.58 ? 101 4J2 B O   1 
ATOM   93  N N   . CYS B 1 2 ? 8.801   2.539   -8.617  1.00 20.67 ? 102 CYS B N   1 
ATOM   94  C CA  . CYS B 1 2 ? 7.507   3.140   -8.354  1.00 20.67 ? 102 CYS B CA  1 
ATOM   95  C C   . CYS B 1 2 ? 6.537   2.104   -7.775  1.00 20.67 ? 102 CYS B C   1 
ATOM   96  O O   . CYS B 1 2 ? 6.740   0.913   -7.930  1.00 20.67 ? 102 CYS B O   1 
ATOM   97  C CB  . CYS B 1 2 ? 6.949   3.777   -9.629  1.00 20.67 ? 102 CYS B CB  1 
ATOM   98  S SG  . CYS B 1 2 ? 8.149   4.785   -10.534 1.00 20.67 ? 102 CYS B SG  1 
ATOM   99  N N   . TYR B 1 3 ? 5.522   2.570   -7.058  1.00 19.90 ? 103 TYR B N   1 
ATOM   100 C CA  . TYR B 1 3 ? 4.392   1.743   -6.634  1.00 19.90 ? 103 TYR B CA  1 
ATOM   101 C C   . TYR B 1 3 ? 3.229   2.637   -6.269  1.00 19.90 ? 103 TYR B C   1 
ATOM   102 O O   . TYR B 1 3 ? 3.415   3.703   -5.732  1.00 19.90 ? 103 TYR B O   1 
ATOM   103 C CB  . TYR B 1 3 ? 4.748   0.811   -5.463  1.00 19.90 ? 103 TYR B CB  1 
ATOM   104 C CG  . TYR B 1 3 ? 5.293   1.457   -4.222  1.00 19.90 ? 103 TYR B CG  1 
ATOM   105 C CD1 . TYR B 1 3 ? 4.444   2.001   -3.267  1.00 19.90 ? 103 TYR B CD1 1 
ATOM   106 C CD2 . TYR B 1 3 ? 6.650   1.495   -3.984  1.00 19.90 ? 103 TYR B CD2 1 
ATOM   107 C CE1 . TYR B 1 3 ? 4.930   2.570   -2.133  1.00 19.90 ? 103 TYR B CE1 1 
ATOM   108 C CE2 . TYR B 1 3 ? 7.144   2.073   -2.856  1.00 19.90 ? 103 TYR B CE2 1 
ATOM   109 C CZ  . TYR B 1 3 ? 6.281   2.604   -1.927  1.00 19.90 ? 103 TYR B CZ  1 
ATOM   110 O OH  . TYR B 1 3 ? 6.790   3.175   -0.798  1.00 19.90 ? 103 TYR B OH  1 
HETATM 111 N N   . DTR B 1 4 ? 2.029   2.189   -6.584  1.00 19.26 ? 104 DTR B N   1 
HETATM 112 C CA  . DTR B 1 4 ? 0.847   3.004   -6.439  1.00 19.26 ? 104 DTR B CA  1 
HETATM 113 C CB  . DTR B 1 4 ? -0.413  2.191   -6.784  1.00 19.26 ? 104 DTR B CB  1 
HETATM 114 C CG  . DTR B 1 4 ? -1.700  2.969   -6.811  1.00 19.26 ? 104 DTR B CG  1 
HETATM 115 C CD1 . DTR B 1 4 ? -2.438  3.264   -7.900  1.00 19.26 ? 104 DTR B CD1 1 
HETATM 116 N NE1 . DTR B 1 4 ? -3.526  3.999   -7.556  1.00 19.26 ? 104 DTR B NE1 1 
HETATM 117 C CE2 . DTR B 1 4 ? -3.524  4.181   -6.203  1.00 19.26 ? 104 DTR B CE2 1 
HETATM 118 C CZ2 . DTR B 1 4 ? -4.427  4.842   -5.384  1.00 19.26 ? 104 DTR B CZ2 1 
HETATM 119 C CH2 . DTR B 1 4 ? -4.152  4.876   -4.052  1.00 19.26 ? 104 DTR B CH2 1 
HETATM 120 C CZ3 . DTR B 1 4 ? -3.029  4.253   -3.523  1.00 19.26 ? 104 DTR B CZ3 1 
HETATM 121 C CE3 . DTR B 1 4 ? -2.136  3.594   -4.327  1.00 19.26 ? 104 DTR B CE3 1 
HETATM 122 C CD2 . DTR B 1 4 ? -2.377  3.555   -5.702  1.00 19.26 ? 104 DTR B CD2 1 
HETATM 123 C C   . DTR B 1 4 ? 0.989   4.248   -7.303  1.00 19.26 ? 104 DTR B C   1 
HETATM 124 O O   . DTR B 1 4 ? 0.994   4.177   -8.521  1.00 19.26 ? 104 DTR B O   1 
ATOM   125 N N   . LYS B 1 5 ? 1.139   5.398   -6.664  1.00 19.64 ? 105 LYS B N   1 
ATOM   126 C CA  . LYS B 1 5 ? 1.280   6.639   -7.403  1.00 19.64 ? 105 LYS B CA  1 
ATOM   127 C C   . LYS B 1 5 ? 2.530   7.417   -7.068  1.00 19.64 ? 105 LYS B C   1 
ATOM   128 O O   . LYS B 1 5 ? 2.551   8.618   -7.223  1.00 19.64 ? 105 LYS B O   1 
ATOM   129 C CB  . LYS B 1 5 ? 0.072   7.521   -7.167  1.00 19.64 ? 105 LYS B CB  1 
ATOM   130 C CG  . LYS B 1 5 ? -1.196  6.968   -7.701  1.00 19.64 ? 105 LYS B CG  1 
ATOM   131 C CD  . LYS B 1 5 ? -2.247  8.010   -7.647  1.00 19.64 ? 105 LYS B CD  1 
ATOM   132 C CE  . LYS B 1 5 ? -3.432  7.626   -8.476  1.00 19.64 ? 105 LYS B CE  1 
ATOM   133 N NZ  . LYS B 1 5 ? -4.614  8.433   -8.108  1.00 19.64 ? 105 LYS B NZ  1 
ATOM   134 N N   . VAL B 1 6 ? 3.575   6.750   -6.607  1.00 20.14 ? 106 VAL B N   1 
ATOM   135 C CA  . VAL B 1 6 ? 4.792   7.429   -6.186  1.00 20.14 ? 106 VAL B CA  1 
ATOM   136 C C   . VAL B 1 6 ? 5.998   6.671   -6.716  1.00 20.14 ? 106 VAL B C   1 
ATOM   137 O O   . VAL B 1 6 ? 5.995   5.440   -6.774  1.00 20.14 ? 106 VAL B O   1 
ATOM   138 C CB  . VAL B 1 6 ? 4.880   7.579   -4.644  1.00 20.14 ? 106 VAL B CB  1 
ATOM   139 C CG1 . VAL B 1 6 ? 3.714   8.366   -4.117  1.00 20.14 ? 106 VAL B CG1 1 
ATOM   140 C CG2 . VAL B 1 6 ? 4.991   6.226   -3.941  1.00 20.14 ? 106 VAL B CG2 1 
ATOM   141 N N   . CYS B 1 7 ? 7.029   7.405   -7.093  1.00 20.68 ? 107 CYS B N   1 
ATOM   142 C CA  . CYS B 1 7 ? 8.349   6.847   -7.327  1.00 20.68 ? 107 CYS B CA  1 
ATOM   143 C C   . CYS B 1 7 ? 9.287   7.381   -6.258  1.00 20.68 ? 107 CYS B C   1 
ATOM   144 O O   . CYS B 1 7 ? 9.146   8.520   -5.817  1.00 20.68 ? 107 CYS B O   1 
ATOM   145 C CB  . CYS B 1 7 ? 8.864   7.193   -8.731  1.00 20.68 ? 107 CYS B CB  1 
ATOM   146 S SG  . CYS B 1 7 ? 7.752   6.735   -10.083 1.00 20.68 ? 107 CYS B SG  1 
ATOM   147 N N   . THR B 1 8 ? 10.229  6.557   -5.832  1.00 21.13 ? 108 THR B N   1 
ATOM   148 C CA  . THR B 1 8 ? 11.065  6.899   -4.698  1.00 21.13 ? 108 THR B CA  1 
ATOM   149 C C   . THR B 1 8 ? 12.516  6.565   -4.988  1.00 21.13 ? 108 THR B C   1 
ATOM   150 O O   . THR B 1 8 ? 12.812  5.711   -5.803  1.00 21.13 ? 108 THR B O   1 
ATOM   151 C CB  . THR B 1 8 ? 10.617  6.170   -3.392  1.00 21.13 ? 108 THR B CB  1 
ATOM   152 O OG1 . THR B 1 8 ? 10.868  4.767   -3.500  1.00 21.13 ? 108 THR B OG1 1 
ATOM   153 C CG2 . THR B 1 8 ? 9.135   6.391   -3.099  1.00 21.13 ? 108 THR B CG2 1 
HETATM 154 N N   . NH2 B 1 9 ? 13.425  7.264   -4.321  1.00 20.76 ? 109 NH2 B N   1 
HETATM 155 N N   . 4J2 C 1 1 ? 5.483   17.086  -8.574  1.00 21.28 ? 201 4J2 C N   1 
HETATM 156 C CA  . 4J2 C 1 1 ? 6.920   17.425  -8.732  1.00 21.28 ? 201 4J2 C CA  1 
HETATM 157 C CB  . 4J2 C 1 1 ? 7.265   17.621  -10.213 1.00 21.28 ? 201 4J2 C CB  1 
HETATM 158 C CG  . 4J2 C 1 1 ? 8.716   17.908  -10.510 1.00 21.28 ? 201 4J2 C CG  1 
HETATM 159 C CD1 . 4J2 C 1 1 ? 9.535   16.894  -11.047 1.00 21.28 ? 201 4J2 C CD1 1 
HETATM 160 C CD2 . 4J2 C 1 1 ? 9.268   19.131  -10.263 1.00 21.28 ? 201 4J2 C CD2 1 
HETATM 161 C CE1 . 4J2 C 1 1 ? 10.848  17.119  -11.331 1.00 21.28 ? 201 4J2 C CE1 1 
HETATM 162 C CZ1 . 4J2 C 1 1 ? 11.432  18.375  -11.084 1.00 21.28 ? 201 4J2 C CZ1 1 
HETATM 163 C CZ2 . 4J2 C 1 1 ? 12.796  18.646  -11.359 1.00 21.28 ? 201 4J2 C CZ2 1 
HETATM 164 C CZ3 . 4J2 C 1 1 ? 13.330  19.868  -11.104 1.00 21.28 ? 201 4J2 C CZ3 1 
HETATM 165 C CE2 . 4J2 C 1 1 ? 10.629  19.404  -10.536 1.00 21.28 ? 201 4J2 C CE2 1 
HETATM 166 C CE3 . 4J2 C 1 1 ? 11.222  20.666  -10.290 1.00 21.28 ? 201 4J2 C CE3 1 
HETATM 167 C CE4 . 4J2 C 1 1 ? 12.534  20.887  -10.563 1.00 21.28 ? 201 4J2 C CE4 1 
HETATM 168 C C   . 4J2 C 1 1 ? 7.765   16.386  -7.988  1.00 21.28 ? 201 4J2 C C   1 
HETATM 169 O O   . 4J2 C 1 1 ? 7.246   15.310  -7.708  1.00 21.28 ? 201 4J2 C O   1 
ATOM   170 N N   . CYS C 1 2 ? 9.000   16.711  -7.643  1.00 21.34 ? 202 CYS C N   1 
ATOM   171 C CA  . CYS C 1 2 ? 9.799   15.868  -6.775  1.00 21.34 ? 202 CYS C CA  1 
ATOM   172 C C   . CYS C 1 2 ? 10.280  16.705  -5.596  1.00 21.34 ? 202 CYS C C   1 
ATOM   173 O O   . CYS C 1 2 ? 10.378  17.916  -5.705  1.00 21.34 ? 202 CYS C O   1 
ATOM   174 C CB  . CYS C 1 2 ? 10.988  15.257  -7.529  1.00 21.34 ? 202 CYS C CB  1 
ATOM   175 S SG  . CYS C 1 2 ? 10.578  14.230  -8.967  1.00 21.34 ? 202 CYS C SG  1 
ATOM   176 N N   . TYR C 1 3 ? 10.543  16.067  -4.465  1.00 20.04 ? 203 TYR C N   1 
ATOM   177 C CA  . TYR C 1 3 ? 11.231  16.709  -3.353  1.00 20.04 ? 203 TYR C CA  1 
ATOM   178 C C   . TYR C 1 3 ? 11.732  15.647  -2.414  1.00 20.04 ? 203 TYR C C   1 
ATOM   179 O O   . TYR C 1 3 ? 11.126  14.606  -2.272  1.00 20.04 ? 203 TYR C O   1 
ATOM   180 C CB  . TYR C 1 3 ? 10.339  17.713  -2.613  1.00 20.04 ? 203 TYR C CB  1 
ATOM   181 C CG  . TYR C 1 3 ? 9.121   17.162  -1.918  1.00 20.04 ? 203 TYR C CG  1 
ATOM   182 C CD1 . TYR C 1 3 ? 9.192   16.677  -0.621  1.00 20.04 ? 203 TYR C CD1 1 
ATOM   183 C CD2 . TYR C 1 3 ? 7.888   17.185  -2.534  1.00 20.04 ? 203 TYR C CD2 1 
ATOM   184 C CE1 . TYR C 1 3 ? 8.083   16.205  0.020   1.00 20.04 ? 203 TYR C CE1 1 
ATOM   185 C CE2 . TYR C 1 3 ? 6.777   16.705  -1.911  1.00 20.04 ? 203 TYR C CE2 1 
ATOM   186 C CZ  . TYR C 1 3 ? 6.874   16.216  -0.628  1.00 20.04 ? 203 TYR C CZ  1 
ATOM   187 O OH  . TYR C 1 3 ? 5.758   15.743  0.009   1.00 20.04 ? 203 TYR C OH  1 
HETATM 188 N N   . DTR C 1 4 ? 12.860  15.919  -1.786  1.00 20.68 ? 204 DTR C N   1 
HETATM 189 C CA  . DTR C 1 4 ? 13.547  14.938  -0.981  1.00 20.68 ? 204 DTR C CA  1 
HETATM 190 C CB  . DTR C 1 4 ? 14.867  15.536  -0.516  1.00 20.68 ? 204 DTR C CB  1 
HETATM 191 C CG  . DTR C 1 4 ? 15.762  14.617  0.191   1.00 20.68 ? 204 DTR C CG  1 
HETATM 192 C CD1 . DTR C 1 4 ? 16.945  14.136  -0.256  1.00 20.68 ? 204 DTR C CD1 1 
HETATM 193 N NE1 . DTR C 1 4 ? 17.503  13.312  0.680   1.00 20.68 ? 204 DTR C NE1 1 
HETATM 194 C CE2 . DTR C 1 4 ? 16.673  13.257  1.764   1.00 20.68 ? 204 DTR C CE2 1 
HETATM 195 C CZ2 . DTR C 1 4 ? 16.806  12.567  2.951   1.00 20.68 ? 204 DTR C CZ2 1 
HETATM 196 C CH2 . DTR C 1 4 ? 15.803  12.702  3.863   1.00 20.68 ? 204 DTR C CH2 1 
HETATM 197 C CZ3 . DTR C 1 4 ? 14.695  13.509  3.614   1.00 20.68 ? 204 DTR C CZ3 1 
HETATM 198 C CE3 . DTR C 1 4 ? 14.563  14.188  2.443   1.00 20.68 ? 204 DTR C CE3 1 
HETATM 199 C CD2 . DTR C 1 4 ? 15.567  14.069  1.487   1.00 20.68 ? 204 DTR C CD2 1 
HETATM 200 C C   . DTR C 1 4 ? 13.779  13.649  -1.763  1.00 20.68 ? 204 DTR C C   1 
HETATM 201 O O   . DTR C 1 4 ? 14.692  13.565  -2.577  1.00 20.68 ? 204 DTR C O   1 
ATOM   202 N N   . LYS C 1 5 ? 12.941  12.646  -1.536  1.00 20.98 ? 205 LYS C N   1 
ATOM   203 C CA  . LYS C 1 5 ? 13.088  11.375  -2.238  1.00 20.98 ? 205 LYS C CA  1 
ATOM   204 C C   . LYS C 1 5 ? 11.812  10.812  -2.827  1.00 20.98 ? 205 LYS C C   1 
ATOM   205 O O   . LYS C 1 5 ? 11.748  9.635   -3.094  1.00 20.98 ? 205 LYS C O   1 
ATOM   206 C CB  . LYS C 1 5 ? 13.675  10.329  -1.316  1.00 20.98 ? 205 LYS C CB  1 
ATOM   207 C CG  . LYS C 1 5 ? 15.094  10.532  -0.955  1.00 20.98 ? 205 LYS C CG  1 
ATOM   208 C CD  . LYS C 1 5 ? 15.480  9.550   0.102   1.00 20.98 ? 205 LYS C CD  1 
ATOM   209 C CE  . LYS C 1 5 ? 16.960  9.582   0.343   1.00 20.98 ? 205 LYS C CE  1 
ATOM   210 N NZ  . LYS C 1 5 ? 17.321  8.693   1.469   1.00 20.98 ? 205 LYS C NZ  1 
ATOM   211 N N   . VAL C 1 6 ? 10.793  11.634  -3.026  1.00 20.65 ? 206 VAL C N   1 
ATOM   212 C CA  . VAL C 1 6 ? 9.527   11.176  -3.577  1.00 20.65 ? 206 VAL C CA  1 
ATOM   213 C C   . VAL C 1 6 ? 9.187   12.023  -4.794  1.00 20.65 ? 206 VAL C C   1 
ATOM   214 O O   . VAL C 1 6 ? 9.335   13.247  -4.770  1.00 20.65 ? 206 VAL C O   1 
ATOM   215 C CB  . VAL C 1 6 ? 8.389   11.206  -2.531  1.00 20.65 ? 206 VAL C CB  1 
ATOM   216 C CG1 . VAL C 1 6 ? 8.719   10.315  -1.361  1.00 20.65 ? 206 VAL C CG1 1 
ATOM   217 C CG2 . VAL C 1 6 ? 8.102   12.607  -2.029  1.00 20.65 ? 206 VAL C CG2 1 
ATOM   218 N N   . CYS C 1 7 ? 8.753   11.371  -5.861  1.00 21.28 ? 207 CYS C N   1 
ATOM   219 C CA  . CYS C 1 7 ? 8.207   12.040  -7.027  1.00 21.28 ? 207 CYS C CA  1 
ATOM   220 C C   . CYS C 1 7 ? 6.760   11.620  -7.218  1.00 21.28 ? 207 CYS C C   1 
ATOM   221 O O   . CYS C 1 7 ? 6.418   10.449  -7.076  1.00 21.28 ? 207 CYS C O   1 
ATOM   222 C CB  . CYS C 1 7 ? 9.003   11.711  -8.295  1.00 21.28 ? 207 CYS C CB  1 
ATOM   223 S SG  . CYS C 1 7 ? 10.702  12.290  -8.353  1.00 21.28 ? 207 CYS C SG  1 
ATOM   224 N N   . THR C 1 8 ? 5.911   12.580  -7.534  1.00 21.39 ? 208 THR C N   1 
ATOM   225 C CA  . THR C 1 8 ? 4.555   12.266  -7.949  1.00 21.39 ? 208 THR C CA  1 
ATOM   226 C C   . THR C 1 8 ? 4.237   13.035  -9.207  1.00 21.39 ? 208 THR C C   1 
ATOM   227 O O   . THR C 1 8 ? 3.147   12.942  -9.753  1.00 21.39 ? 208 THR C O   1 
ATOM   228 C CB  . THR C 1 8 ? 3.507   12.595  -6.868  1.00 21.39 ? 208 THR C CB  1 
ATOM   229 O OG1 . THR C 1 8 ? 3.527   13.993  -6.576  1.00 21.39 ? 208 THR C OG1 1 
ATOM   230 C CG2 . THR C 1 8 ? 3.770   11.808  -5.610  1.00 21.39 ? 208 THR C CG2 1 
HETATM 231 N N   . NH2 C 1 9 ? 5.211   13.796  -9.676  1.00 22.26 ? 209 NH2 C N   1 
HETATM 232 N N   . 4J2 D 1 1 ? -3.982  7.627   3.608   1.00 20.54 ? 301 4J2 D N   1 
HETATM 233 C CA  . 4J2 D 1 1 ? -3.784  6.324   4.289   1.00 20.54 ? 301 4J2 D CA  1 
HETATM 234 C CB  . 4J2 D 1 1 ? -4.383  6.363   5.699   1.00 20.54 ? 301 4J2 D CB  1 
HETATM 235 C CG  . 4J2 D 1 1 ? -4.265  5.075   6.473   1.00 20.54 ? 301 4J2 D CG  1 
HETATM 236 C CD1 . 4J2 D 1 1 ? -3.403  4.995   7.584   1.00 20.54 ? 301 4J2 D CD1 1 
HETATM 237 C CD2 . 4J2 D 1 1 ? -4.968  3.963   6.108   1.00 20.54 ? 301 4J2 D CD2 1 
HETATM 238 C CE1 . 4J2 D 1 1 ? -3.279  3.845   8.305   1.00 20.54 ? 301 4J2 D CE1 1 
HETATM 239 C CZ1 . 4J2 D 1 1 ? -4.002  2.691   7.945   1.00 20.54 ? 301 4J2 D CZ1 1 
HETATM 240 C CZ2 . 4J2 D 1 1 ? -3.896  1.471   8.661   1.00 20.54 ? 301 4J2 D CZ2 1 
HETATM 241 C CZ3 . 4J2 D 1 1 ? -4.606  0.378   8.281   1.00 20.54 ? 301 4J2 D CZ3 1 
HETATM 242 C CE2 . 4J2 D 1 1 ? -4.862  2.749   6.822   1.00 20.54 ? 301 4J2 D CE2 1 
HETATM 243 C CE3 . 4J2 D 1 1 ? -5.585  1.587   6.462   1.00 20.54 ? 301 4J2 D CE3 1 
HETATM 244 C CE4 . 4J2 D 1 1 ? -5.457  0.437   7.171   1.00 20.54 ? 301 4J2 D CE4 1 
HETATM 245 C C   . 4J2 D 1 1 ? -2.296  5.962   4.257   1.00 20.54 ? 301 4J2 D C   1 
HETATM 246 O O   . 4J2 D 1 1 ? -1.494  6.860   4.024   1.00 20.54 ? 301 4J2 D O   1 
ATOM   247 N N   . CYS D 1 2 ? -1.942  4.703   4.443   1.00 20.87 ? 302 CYS D N   1 
ATOM   248 C CA  . CYS D 1 2 ? -0.578  4.257   4.245   1.00 20.87 ? 302 CYS D CA  1 
ATOM   249 C C   . CYS D 1 2 ? -0.581  3.142   3.209   1.00 20.87 ? 302 CYS D C   1 
ATOM   250 O O   . CYS D 1 2 ? -1.576  2.463   3.042   1.00 20.87 ? 302 CYS D O   1 
ATOM   251 C CB  . CYS D 1 2 ? 0.055   3.774   5.558   1.00 20.87 ? 302 CYS D CB  1 
ATOM   252 S SG  . CYS D 1 2 ? 0.114   4.979   6.901   1.00 20.87 ? 302 CYS D SG  1 
ATOM   253 N N   . TYR D 1 3 ? 0.518   2.982   2.490   1.00 20.12 ? 303 TYR D N   1 
ATOM   254 C CA  . TYR D 1 3 ? 0.726   1.815   1.650   1.00 20.12 ? 303 TYR D CA  1 
ATOM   255 C C   . TYR D 1 3 ? 2.188   1.727   1.318   1.00 20.12 ? 303 TYR D C   1 
ATOM   256 O O   . TYR D 1 3 ? 2.862   2.729   1.188   1.00 20.12 ? 303 TYR D O   1 
ATOM   257 C CB  . TYR D 1 3 ? -0.127  1.844   0.377   1.00 20.12 ? 303 TYR D CB  1 
ATOM   258 C CG  . TYR D 1 3 ? 0.165   2.937   -0.617  1.00 20.12 ? 303 TYR D CG  1 
ATOM   259 C CD1 . TYR D 1 3 ? 1.149   2.783   -1.583  1.00 20.12 ? 303 TYR D CD1 1 
ATOM   260 C CD2 . TYR D 1 3 ? -0.583  4.095   -0.632  1.00 20.12 ? 303 TYR D CD2 1 
ATOM   261 C CE1 . TYR D 1 3 ? 1.397   3.755   -2.499  1.00 20.12 ? 303 TYR D CE1 1 
ATOM   262 C CE2 . TYR D 1 3 ? -0.338  5.078   -1.534  1.00 20.12 ? 303 TYR D CE2 1 
ATOM   263 C CZ  . TYR D 1 3 ? 0.652   4.906   -2.472  1.00 20.12 ? 303 TYR D CZ  1 
ATOM   264 O OH  . TYR D 1 3 ? 0.886   5.890   -3.387  1.00 20.12 ? 303 TYR D OH  1 
HETATM 265 N N   . DTR D 1 4 ? 2.669   0.510   1.175   1.00 20.66 ? 304 DTR D N   1 
HETATM 266 C CA  . DTR D 1 4 ? 4.076   0.235   1.026   1.00 20.66 ? 304 DTR D CA  1 
HETATM 267 C CB  . DTR D 1 4 ? 4.255   -1.277  0.987   1.00 20.66 ? 304 DTR D CB  1 
HETATM 268 C CG  . DTR D 1 4 ? 5.629   -1.761  1.073   1.00 20.66 ? 304 DTR D CG  1 
HETATM 269 C CD1 . DTR D 1 4 ? 6.202   -2.376  2.130   1.00 20.66 ? 304 DTR D CD1 1 
HETATM 270 N NE1 . DTR D 1 4 ? 7.497   -2.696  1.849   1.00 20.66 ? 304 DTR D NE1 1 
HETATM 271 C CE2 . DTR D 1 4 ? 7.783   -2.281  0.579   1.00 20.66 ? 304 DTR D CE2 1 
HETATM 272 C CZ2 . DTR D 1 4 ? 8.952   -2.379  -0.147  1.00 20.66 ? 304 DTR D CZ2 1 
HETATM 273 C CH2 . DTR D 1 4 ? 8.947   -1.866  -1.410  1.00 20.66 ? 304 DTR D CH2 1 
HETATM 274 C CZ3 . DTR D 1 4 ? 7.809   -1.271  -1.951  1.00 20.66 ? 304 DTR D CZ3 1 
HETATM 275 C CE3 . DTR D 1 4 ? 6.654   -1.171  -1.234  1.00 20.66 ? 304 DTR D CE3 1 
HETATM 276 C CD2 . DTR D 1 4 ? 6.627   -1.685  0.061   1.00 20.66 ? 304 DTR D CD2 1 
HETATM 277 C C   . DTR D 1 4 ? 4.888   0.869   2.154   1.00 20.66 ? 304 DTR D C   1 
HETATM 278 O O   . DTR D 1 4 ? 4.882   0.390   3.279   1.00 20.66 ? 304 DTR D O   1 
ATOM   279 N N   . LYS D 1 5 ? 5.575   1.964   1.857   1.00 21.30 ? 305 LYS D N   1 
ATOM   280 C CA  . LYS D 1 5 ? 6.352   2.655   2.874   1.00 21.30 ? 305 LYS D CA  1 
ATOM   281 C C   . LYS D 1 5 ? 6.048   4.132   2.999   1.00 21.30 ? 305 LYS D C   1 
ATOM   282 O O   . LYS D 1 5 ? 6.859   4.862   3.524   1.00 21.30 ? 305 LYS D O   1 
ATOM   283 C CB  . LYS D 1 5 ? 7.834   2.496   2.604   1.00 21.30 ? 305 LYS D CB  1 
ATOM   284 C CG  . LYS D 1 5 ? 8.331   1.114   2.760   1.00 21.30 ? 305 LYS D CG  1 
ATOM   285 C CD  . LYS D 1 5 ? 9.750   1.012   2.313   1.00 21.30 ? 305 LYS D CD  1 
ATOM   286 C CE  . LYS D 1 5 ? 10.349  -0.283  2.775   1.00 21.30 ? 305 LYS D CE  1 
ATOM   287 N NZ  . LYS D 1 5 ? 11.712  -0.467  2.227   1.00 21.30 ? 305 LYS D NZ  1 
ATOM   288 N N   . VAL D 1 6 ? 4.901   4.587   2.521   1.00 20.79 ? 306 VAL D N   1 
ATOM   289 C CA  . VAL D 1 6 ? 4.566   6.002   2.569   1.00 20.79 ? 306 VAL D CA  1 
ATOM   290 C C   . VAL D 1 6 ? 3.205   6.163   3.231   1.00 20.79 ? 306 VAL D C   1 
ATOM   291 O O   . VAL D 1 6 ? 2.270   5.419   2.933   1.00 20.79 ? 306 VAL D O   1 
ATOM   292 C CB  . VAL D 1 6 ? 4.592   6.669   1.171   1.00 20.79 ? 306 VAL D CB  1 
ATOM   293 C CG1 . VAL D 1 6 ? 5.956   6.531   0.533   1.00 20.79 ? 306 VAL D CG1 1 
ATOM   294 C CG2 . VAL D 1 6 ? 3.529   6.116   0.237   1.00 20.79 ? 306 VAL D CG2 1 
ATOM   295 N N   . CYS D 1 7 ? 3.104   7.113   4.149   1.00 20.70 ? 307 CYS D N   1 
ATOM   296 C CA  . CYS D 1 7 ? 1.840   7.531   4.732   1.00 20.70 ? 307 CYS D CA  1 
ATOM   297 C C   . CYS D 1 7 ? 1.595   8.981   4.363   1.00 20.70 ? 307 CYS D C   1 
ATOM   298 O O   . CYS D 1 7 ? 2.522   9.788   4.367   1.00 20.70 ? 307 CYS D O   1 
ATOM   299 C CB  . CYS D 1 7 ? 1.839   7.394   6.261   1.00 20.70 ? 307 CYS D CB  1 
ATOM   300 S SG  . CYS D 1 7 ? 2.005   5.735   6.916   1.00 20.70 ? 307 CYS D SG  1 
ATOM   301 N N   . THR D 1 8 ? 0.357   9.314   4.042   1.00 20.59 ? 308 THR D N   1 
ATOM   302 C CA  . THR D 1 8 ? -0.030  10.703  3.864   1.00 20.59 ? 308 THR D CA  1 
ATOM   303 C C   . THR D 1 8 ? -1.360  10.950  4.544   1.00 20.59 ? 308 THR D C   1 
ATOM   304 O O   . THR D 1 8 ? -1.809  12.081  4.675   1.00 20.59 ? 308 THR D O   1 
ATOM   305 C CB  . THR D 1 8 ? -0.144  11.109  2.380   1.00 20.59 ? 308 THR D CB  1 
ATOM   306 O OG1 . THR D 1 8 ? -1.176  10.353  1.745   1.00 20.59 ? 308 THR D OG1 1 
ATOM   307 C CG2 . THR D 1 8 ? 1.165   10.907  1.650   1.00 20.59 ? 308 THR D CG2 1 
HETATM 308 N N   . NH2 D 1 9 ? -1.994  9.876   4.986   1.00 21.40 ? 309 NH2 D N   1 
HETATM 309 N N   . 4J2 E 1 1 ? -1.707  -11.053 10.636  1.00 22.55 ? 401 4J2 E N   1 
HETATM 310 C CA  . 4J2 E 1 1 ? -2.627  -10.256 11.487  1.00 22.55 ? 401 4J2 E CA  1 
HETATM 311 C CB  . 4J2 E 1 1 ? -3.186  -11.130 12.615  1.00 22.55 ? 401 4J2 E CB  1 
HETATM 312 C CG  . 4J2 E 1 1 ? -3.982  -10.408 13.673  1.00 22.55 ? 401 4J2 E CG  1 
HETATM 313 C CD1 . 4J2 E 1 1 ? -5.316  -10.788 13.936  1.00 22.55 ? 401 4J2 E CD1 1 
HETATM 314 C CD2 . 4J2 E 1 1 ? -3.437  -9.388  14.399  1.00 22.55 ? 401 4J2 E CD2 1 
HETATM 315 C CE1 . 4J2 E 1 1 ? -6.056  -10.161 14.891  1.00 22.55 ? 401 4J2 E CE1 1 
HETATM 316 C CZ1 . 4J2 E 1 1 ? -5.511  -9.107  15.645  1.00 22.55 ? 401 4J2 E CZ1 1 
HETATM 317 C CZ2 . 4J2 E 1 1 ? -6.248  -8.423  16.646  1.00 22.55 ? 401 4J2 E CZ2 1 
HETATM 318 C CZ3 . 4J2 E 1 1 ? -5.686  -7.409  17.352  1.00 22.55 ? 401 4J2 E CZ3 1 
HETATM 319 C CE2 . 4J2 E 1 1 ? -4.176  -8.706  15.392  1.00 22.55 ? 401 4J2 E CE2 1 
HETATM 320 C CE3 . 4J2 E 1 1 ? -3.632  -7.644  16.150  1.00 22.55 ? 401 4J2 E CE3 1 
HETATM 321 C CE4 . 4J2 E 1 1 ? -4.367  -7.015  17.102  1.00 22.55 ? 401 4J2 E CE4 1 
HETATM 322 C C   . 4J2 E 1 1 ? -3.708  -9.641  10.595  1.00 22.55 ? 401 4J2 E C   1 
HETATM 323 O O   . 4J2 E 1 1 ? -3.733  -9.972  9.417   1.00 22.55 ? 401 4J2 E O   1 
ATOM   324 N N   . CYS E 1 2 ? -4.551  -8.776  11.128  1.00 23.19 ? 402 CYS E N   1 
ATOM   325 C CA  . CYS E 1 2 ? -5.602  -8.146  10.358  1.00 23.19 ? 402 CYS E CA  1 
ATOM   326 C C   . CYS E 1 2 ? -5.325  -6.655  10.226  1.00 23.19 ? 402 CYS E C   1 
ATOM   327 O O   . CYS E 1 2 ? -4.766  -6.060  11.121  1.00 23.19 ? 402 CYS E O   1 
ATOM   328 C CB  . CYS E 1 2 ? -6.972  -8.368  11.013  1.00 23.19 ? 402 CYS E CB  1 
ATOM   329 S SG  . CYS E 1 2 ? -7.509  -10.088 11.204  1.00 23.19 ? 402 CYS E SG  1 
ATOM   330 N N   . TYR E 1 3 ? -5.711  -6.065  9.102   1.00 21.22 ? 403 TYR E N   1 
ATOM   331 C CA  . TYR E 1 3 ? -5.681  -4.615  8.941   1.00 21.22 ? 403 TYR E CA  1 
ATOM   332 C C   . TYR E 1 3 ? -6.697  -4.179  7.919   1.00 21.22 ? 403 TYR E C   1 
ATOM   333 O O   . TYR E 1 3 ? -6.917  -4.840  6.925   1.00 21.22 ? 403 TYR E O   1 
ATOM   334 C CB  . TYR E 1 3 ? -4.283  -4.096  8.560   1.00 21.22 ? 403 TYR E CB  1 
ATOM   335 C CG  . TYR E 1 3 ? -3.685  -4.604  7.270   1.00 21.22 ? 403 TYR E CG  1 
ATOM   336 C CD1 . TYR E 1 3 ? -3.882  -3.934  6.067   1.00 21.22 ? 403 TYR E CD1 1 
ATOM   337 C CD2 . TYR E 1 3 ? -2.894  -5.735  7.264   1.00 21.22 ? 403 TYR E CD2 1 
ATOM   338 C CE1 . TYR E 1 3 ? -3.328  -4.397  4.910   1.00 21.22 ? 403 TYR E CE1 1 
ATOM   339 C CE2 . TYR E 1 3 ? -2.342  -6.199  6.119   1.00 21.22 ? 403 TYR E CE2 1 
ATOM   340 C CZ  . TYR E 1 3 ? -2.551  -5.525  4.944   1.00 21.22 ? 403 TYR E CZ  1 
ATOM   341 O OH  . TYR E 1 3 ? -1.986  -6.010  3.809   1.00 21.22 ? 403 TYR E OH  1 
HETATM 342 N N   . DTR E 1 4 ? -7.326  -3.054  8.188   1.00 21.72 ? 404 DTR E N   1 
HETATM 343 C CA  . DTR E 1 4 ? -8.316  -2.498  7.304   1.00 21.72 ? 404 DTR E CA  1 
HETATM 344 C CB  . DTR E 1 4 ? -8.760  -1.133  7.832   1.00 21.72 ? 404 DTR E CB  1 
HETATM 345 C CG  . DTR E 1 4 ? -9.934  -0.583  7.138   1.00 21.72 ? 404 DTR E CG  1 
HETATM 346 C CD1 . DTR E 1 4 ? -11.195 -0.523  7.611   1.00 21.72 ? 404 DTR E CD1 1 
HETATM 347 N NE1 . DTR E 1 4 ? -12.025 0.035   6.680   1.00 21.72 ? 404 DTR E NE1 1 
HETATM 348 C CE2 . DTR E 1 4 ? -11.290 0.357   5.574   1.00 21.72 ? 404 DTR E CE2 1 
HETATM 349 C CZ2 . DTR E 1 4 ? -11.678 0.945   4.380   1.00 21.72 ? 404 DTR E CZ2 1 
HETATM 350 C CH2 . DTR E 1 4 ? -10.714 1.142   3.433   1.00 21.72 ? 404 DTR E CH2 1 
HETATM 351 C CZ3 . DTR E 1 4 ? -9.386  0.772   3.658   1.00 21.72 ? 404 DTR E CZ3 1 
HETATM 352 C CE3 . DTR E 1 4 ? -9.001  0.192   4.843   1.00 21.72 ? 404 DTR E CE3 1 
HETATM 353 C CD2 . DTR E 1 4 ? -9.967  -0.027  5.827   1.00 21.72 ? 404 DTR E CD2 1 
HETATM 354 C C   . DTR E 1 4 ? -9.496  -3.449  7.131   1.00 21.72 ? 404 DTR E C   1 
HETATM 355 O O   . DTR E 1 4 ? -10.414 -3.481  7.942   1.00 21.72 ? 404 DTR E O   1 
ATOM   356 N N   . LYS E 1 5 ? -9.467  -4.239  6.068   1.00 22.15 ? 405 LYS E N   1 
ATOM   357 C CA  . LYS E 1 5 ? -10.510 -5.229  5.840   1.00 22.15 ? 405 LYS E CA  1 
ATOM   358 C C   . LYS E 1 5 ? -9.996  -6.587  5.412   1.00 22.15 ? 405 LYS E C   1 
ATOM   359 O O   . LYS E 1 5 ? -10.722 -7.327  4.788   1.00 22.15 ? 405 LYS E O   1 
ATOM   360 C CB  . LYS E 1 5 ? -11.495 -4.736  4.793   1.00 22.15 ? 405 LYS E CB  1 
ATOM   361 C CG  . LYS E 1 5 ? -12.390 -3.644  5.264   1.00 22.15 ? 405 LYS E CG  1 
ATOM   362 C CD  . LYS E 1 5 ? -13.319 -3.212  4.174   1.00 22.15 ? 405 LYS E CD  1 
ATOM   363 C CE  . LYS E 1 5 ? -12.559 -2.517  3.082   1.00 22.15 ? 405 LYS E CE  1 
ATOM   364 N NZ  . LYS E 1 5 ? -13.471 -1.871  2.109   1.00 22.15 ? 405 LYS E NZ  1 
ATOM   365 N N   . VAL E 1 6 ? -8.759  -6.926  5.744   1.00 22.65 ? 406 VAL E N   1 
ATOM   366 C CA  . VAL E 1 6 ? -8.176  -8.203  5.352   1.00 22.65 ? 406 VAL E CA  1 
ATOM   367 C C   . VAL E 1 6 ? -7.519  -8.856  6.561   1.00 22.65 ? 406 VAL E C   1 
ATOM   368 O O   . VAL E 1 6 ? -6.976  -8.169  7.431   1.00 22.65 ? 406 VAL E O   1 
ATOM   369 C CB  . VAL E 1 6 ? -7.159  -8.049  4.191   1.00 22.65 ? 406 VAL E CB  1 
ATOM   370 C CG1 . VAL E 1 6 ? -7.858  -7.614  2.928   1.00 22.65 ? 406 VAL E CG1 1 
ATOM   371 C CG2 . VAL E 1 6 ? -6.041  -7.076  4.538   1.00 22.65 ? 406 VAL E CG2 1 
ATOM   372 N N   . CYS E 1 7 ? -7.550  -10.185 6.603   1.00 23.48 ? 407 CYS E N   1 
ATOM   373 C CA  . CYS E 1 7 ? -6.857  -10.969 7.616   1.00 23.48 ? 407 CYS E CA  1 
ATOM   374 C C   . CYS E 1 7 ? -6.026  -12.047 6.942   1.00 23.48 ? 407 CYS E C   1 
ATOM   375 O O   . CYS E 1 7 ? -6.397  -12.562 5.894   1.00 23.48 ? 407 CYS E O   1 
ATOM   376 C CB  . CYS E 1 7 ? -7.835  -11.611 8.599   1.00 23.48 ? 407 CYS E CB  1 
ATOM   377 S SG  . CYS E 1 7 ? -8.758  -10.477 9.644   1.00 23.48 ? 407 CYS E SG  1 
ATOM   378 N N   . THR E 1 8 ? -4.879  -12.358 7.527   1.00 23.84 ? 408 THR E N   1 
ATOM   379 C CA  . THR E 1 8 ? -4.003  -13.397 6.993   1.00 23.84 ? 408 THR E CA  1 
ATOM   380 C C   . THR E 1 8 ? -3.282  -14.126 8.110   1.00 23.84 ? 408 THR E C   1 
ATOM   381 O O   . THR E 1 8 ? -3.340  -13.718 9.256   1.00 23.84 ? 408 THR E O   1 
ATOM   382 C CB  . THR E 1 8 ? -2.929  -12.845 6.000   1.00 23.84 ? 408 THR E CB  1 
ATOM   383 O OG1 . THR E 1 8 ? -2.264  -11.702 6.548   1.00 23.84 ? 408 THR E OG1 1 
ATOM   384 C CG2 . THR E 1 8 ? -3.534  -12.487 4.665   1.00 23.84 ? 408 THR E CG2 1 
HETATM 385 N N   . NH2 E 1 9 ? -2.583  -15.195 7.763   1.00 23.71 ? 409 NH2 E N   1 
HETATM 386 N N   . 4J2 F 1 1 ? 1.464   -12.081 -6.283  1.00 19.04 ? 501 4J2 F N   1 
HETATM 387 C CA  . 4J2 F 1 1 ? 0.704   -12.198 -7.554  1.00 19.04 ? 501 4J2 F CA  1 
HETATM 388 C CB  . 4J2 F 1 1 ? 1.503   -11.586 -8.709  1.00 19.04 ? 501 4J2 F CB  1 
HETATM 389 C CG  . 4J2 F 1 1 ? 0.837   -11.658 -10.061 1.00 19.04 ? 501 4J2 F CG  1 
HETATM 390 C CD1 . 4J2 F 1 1 ? 0.297   -10.494 -10.640 1.00 19.04 ? 501 4J2 F CD1 1 
HETATM 391 C CD2 . 4J2 F 1 1 ? 0.728   -12.840 -10.735 1.00 19.04 ? 501 4J2 F CD2 1 
HETATM 392 C CE1 . 4J2 F 1 1 ? -0.304  -10.521 -11.862 1.00 19.04 ? 501 4J2 F CE1 1 
HETATM 393 C CZ1 . 4J2 F 1 1 ? -0.417  -11.728 -12.576 1.00 19.04 ? 501 4J2 F CZ1 1 
HETATM 394 C CZ2 . 4J2 F 1 1 ? -1.043  -11.804 -13.845 1.00 19.04 ? 501 4J2 F CZ2 1 
HETATM 395 C CZ3 . 4J2 F 1 1 ? -1.137  -12.986 -14.504 1.00 19.04 ? 501 4J2 F CZ3 1 
HETATM 396 C CE2 . 4J2 F 1 1 ? 0.105   -12.912 -12.000 1.00 19.04 ? 501 4J2 F CE2 1 
HETATM 397 C CE3 . 4J2 F 1 1 ? -0.017  -14.125 -12.717 1.00 19.04 ? 501 4J2 F CE3 1 
HETATM 398 C CE4 . 4J2 F 1 1 ? -0.624  -14.157 -13.929 1.00 19.04 ? 501 4J2 F CE4 1 
HETATM 399 C C   . 4J2 F 1 1 ? -0.695  -11.605 -7.362  1.00 19.04 ? 501 4J2 F C   1 
HETATM 400 O O   . 4J2 F 1 1 ? -0.857  -10.808 -6.448  1.00 19.04 ? 501 4J2 F O   1 
ATOM   401 N N   . CYS F 1 2 ? -1.675  -12.011 -8.155  1.00 19.97 ? 502 CYS F N   1 
ATOM   402 C CA  . CYS F 1 2 ? -3.055  -11.595 -7.974  1.00 19.97 ? 502 CYS F CA  1 
ATOM   403 C C   . CYS F 1 2 ? -3.960  -12.824 -7.983  1.00 19.97 ? 502 CYS F C   1 
ATOM   404 O O   . CYS F 1 2 ? -3.664  -13.798 -8.645  1.00 19.97 ? 502 CYS F O   1 
ATOM   405 C CB  . CYS F 1 2 ? -3.494  -10.620 -9.077  1.00 19.97 ? 502 CYS F CB  1 
ATOM   406 S SG  . CYS F 1 2 ? -2.589  -9.051  -9.170  1.00 19.97 ? 502 CYS F SG  1 
ATOM   407 N N   . TYR F 1 3 ? -5.049  -12.785 -7.230  1.00 19.46 ? 503 TYR F N   1 
ATOM   408 C CA  . TYR F 1 3 ? -6.052  -13.838 -7.305  1.00 19.46 ? 503 TYR F CA  1 
ATOM   409 C C   . TYR F 1 3 ? -7.357  -13.341 -6.750  1.00 19.46 ? 503 TYR F C   1 
ATOM   410 O O   . TYR F 1 3 ? -7.385  -12.537 -5.839  1.00 19.46 ? 503 TYR F O   1 
ATOM   411 C CB  . TYR F 1 3 ? -5.602  -15.120 -6.581  1.00 19.46 ? 503 TYR F CB  1 
ATOM   412 C CG  . TYR F 1 3 ? -5.323  -14.999 -5.106  1.00 19.46 ? 503 TYR F CG  1 
ATOM   413 C CD1 . TYR F 1 3 ? -6.326  -15.198 -4.164  1.00 19.46 ? 503 TYR F CD1 1 
ATOM   414 C CD2 . TYR F 1 3 ? -4.050  -14.728 -4.651  1.00 19.46 ? 503 TYR F CD2 1 
ATOM   415 C CE1 . TYR F 1 3 ? -6.070  -15.098 -2.826  1.00 19.46 ? 503 TYR F CE1 1 
ATOM   416 C CE2 . TYR F 1 3 ? -3.785  -14.625 -3.324  1.00 19.46 ? 503 TYR F CE2 1 
ATOM   417 C CZ  . TYR F 1 3 ? -4.793  -14.814 -2.413  1.00 19.46 ? 503 TYR F CZ  1 
ATOM   418 O OH  . TYR F 1 3 ? -4.496  -14.712 -1.090  1.00 19.46 ? 503 TYR F OH  1 
HETATM 419 N N   . DTR F 1 4 ? -8.440  -13.819 -7.324  1.00 19.92 ? 504 DTR F N   1 
HETATM 420 C CA  . DTR F 1 4 ? -9.766  -13.400 -6.945  1.00 19.92 ? 504 DTR F CA  1 
HETATM 421 C CB  . DTR F 1 4 ? -10.791 -14.100 -7.838  1.00 19.92 ? 504 DTR F CB  1 
HETATM 422 C CG  . DTR F 1 4 ? -12.186 -13.676 -7.609  1.00 19.92 ? 504 DTR F CG  1 
HETATM 423 C CD1 . DTR F 1 4 ? -12.961 -12.951 -8.445  1.00 19.92 ? 504 DTR F CD1 1 
HETATM 424 N NE1 . DTR F 1 4 ? -14.193 -12.745 -7.896  1.00 19.92 ? 504 DTR F NE1 1 
HETATM 425 C CE2 . DTR F 1 4 ? -14.234 -13.349 -6.672  1.00 19.92 ? 504 DTR F CE2 1 
HETATM 426 C CZ2 . DTR F 1 4 ? -15.260 -13.419 -5.741  1.00 19.92 ? 504 DTR F CZ2 1 
HETATM 427 C CH2 . DTR F 1 4 ? -15.014 -14.101 -4.586  1.00 19.92 ? 504 DTR F CH2 1 
HETATM 428 C CZ3 . DTR F 1 4 ? -13.779 -14.705 -4.346  1.00 19.92 ? 504 DTR F CZ3 1 
HETATM 429 C CE3 . DTR F 1 4 ? -12.762 -14.635 -5.263  1.00 19.92 ? 504 DTR F CE3 1 
HETATM 430 C CD2 . DTR F 1 4 ? -12.984 -13.947 -6.458  1.00 19.92 ? 504 DTR F CD2 1 
HETATM 431 C C   . DTR F 1 4 ? -9.901  -11.891 -7.057  1.00 19.92 ? 504 DTR F C   1 
HETATM 432 O O   . DTR F 1 4 ? -10.125 -11.355 -8.133  1.00 19.92 ? 504 DTR F O   1 
ATOM   433 N N   . LYS F 1 5 ? -9.743  -11.194 -5.943  1.00 20.27 ? 505 LYS F N   1 
ATOM   434 C CA  . LYS F 1 5 ? -9.873  -9.744  -5.946  1.00 20.27 ? 505 LYS F CA  1 
ATOM   435 C C   . LYS F 1 5 ? -8.747  -9.025  -5.247  1.00 20.27 ? 505 LYS F C   1 
ATOM   436 O O   . LYS F 1 5 ? -8.915  -7.892  -4.849  1.00 20.27 ? 505 LYS F O   1 
ATOM   437 C CB  . LYS F 1 5 ? -11.173 -9.322  -5.289  1.00 20.27 ? 505 LYS F CB  1 
ATOM   438 C CG  . LYS F 1 5 ? -12.389 -9.552  -6.108  1.00 20.27 ? 505 LYS F CG  1 
ATOM   439 C CD  . LYS F 1 5 ? -13.585 -9.472  -5.221  1.00 20.27 ? 505 LYS F CD  1 
ATOM   440 C CE  . LYS F 1 5 ? -14.847 -9.308  -6.004  1.00 20.27 ? 505 LYS F CE  1 
ATOM   441 N NZ  . LYS F 1 5 ? -16.017 -9.358  -5.097  1.00 20.27 ? 505 LYS F NZ  1 
ATOM   442 N N   . VAL F 1 6 ? -7.602  -9.660  -5.080  1.00 20.02 ? 506 VAL F N   1 
ATOM   443 C CA  . VAL F 1 6 ? -6.501  -9.048  -4.354  1.00 20.02 ? 506 VAL F CA  1 
ATOM   444 C C   . VAL F 1 6 ? -5.215  -9.200  -5.153  1.00 20.02 ? 506 VAL F C   1 
ATOM   445 O O   . VAL F 1 6 ? -5.043  -10.147 -5.921  1.00 20.02 ? 506 VAL F O   1 
ATOM   446 C CB  . VAL F 1 6 ? -6.337  -9.645  -2.930  1.00 20.02 ? 506 VAL F CB  1 
ATOM   447 C CG1 . VAL F 1 6 ? -7.553  -9.348  -2.091  1.00 20.02 ? 506 VAL F CG1 1 
ATOM   448 C CG2 . VAL F 1 6 ? -6.079  -11.142 -2.976  1.00 20.02 ? 506 VAL F CG2 1 
ATOM   449 N N   . CYS F 1 7 ? -4.306  -8.248  -4.962  1.00 20.06 ? 507 CYS F N   1 
ATOM   450 C CA  . CYS F 1 7 ? -2.961  -8.304  -5.512  1.00 20.06 ? 507 CYS F CA  1 
ATOM   451 C C   . CYS F 1 7 ? -1.963  -7.952  -4.424  1.00 20.06 ? 507 CYS F C   1 
ATOM   452 O O   . CYS F 1 7 ? -2.210  -7.083  -3.595  1.00 20.06 ? 507 CYS F O   1 
ATOM   453 C CB  . CYS F 1 7 ? -2.780  -7.339  -6.689  1.00 20.06 ? 507 CYS F CB  1 
ATOM   454 S SG  . CYS F 1 7 ? -3.706  -7.665  -8.185  1.00 20.06 ? 507 CYS F SG  1 
ATOM   455 N N   . THR F 1 8 ? -0.827  -8.629  -4.437  1.00 19.52 ? 508 THR F N   1 
ATOM   456 C CA  . THR F 1 8 ? 0.226   -8.389  -3.466  1.00 19.52 ? 508 THR F CA  1 
ATOM   457 C C   . THR F 1 8 ? 1.560   -8.542  -4.157  1.00 19.52 ? 508 THR F C   1 
ATOM   458 O O   . THR F 1 8 ? 1.639   -9.138  -5.213  1.00 19.52 ? 508 THR F O   1 
ATOM   459 C CB  . THR F 1 8 ? 0.177   -9.361  -2.245  1.00 19.52 ? 508 THR F CB  1 
ATOM   460 O OG1 . THR F 1 8 ? 0.273   -10.718 -2.685  1.00 19.52 ? 508 THR F OG1 1 
ATOM   461 C CG2 . THR F 1 8 ? -1.085  -9.183  -1.443  1.00 19.52 ? 508 THR F CG2 1 
HETATM 462 N N   . NH2 F 1 9 ? 2.612   -8.005  -3.555  1.00 19.50 ? 509 NH2 F N   1 
HETATM 463 N N   . 4J2 G 1 1 ? -8.197  0.563   -4.419  1.00 20.64 ? 601 4J2 G N   1 
HETATM 464 C CA  . 4J2 G 1 1 ? -6.945  1.319   -4.160  1.00 20.64 ? 601 4J2 G CA  1 
HETATM 465 C CB  . 4J2 G 1 1 ? -6.431  1.988   -5.438  1.00 20.64 ? 601 4J2 G CB  1 
HETATM 466 C CG  . 4J2 G 1 1 ? -6.086  1.087   -6.600  1.00 20.64 ? 601 4J2 G CG  1 
HETATM 467 C CD1 . 4J2 G 1 1 ? -7.114  0.496   -7.363  1.00 20.64 ? 601 4J2 G CD1 1 
HETATM 468 C CD2 . 4J2 G 1 1 ? -4.790  0.886   -6.983  1.00 20.64 ? 601 4J2 G CD2 1 
HETATM 469 C CE1 . 4J2 G 1 1 ? -6.834  -0.296  -8.436  1.00 20.64 ? 601 4J2 G CE1 1 
HETATM 470 C CZ1 . 4J2 G 1 1 ? -5.501  -0.523  -8.835  1.00 20.64 ? 601 4J2 G CZ1 1 
HETATM 471 C CZ2 . 4J2 G 1 1 ? -5.168  -1.333  -9.954  1.00 20.64 ? 601 4J2 G CZ2 1 
HETATM 472 C CZ3 . 4J2 G 1 1 ? -3.874  -1.523  -10.316 1.00 20.64 ? 601 4J2 G CZ3 1 
HETATM 473 C CE2 . 4J2 G 1 1 ? -4.458  0.077   -8.093  1.00 20.64 ? 601 4J2 G CE2 1 
HETATM 474 C CE3 . 4J2 G 1 1 ? -3.122  -0.156  -8.499  1.00 20.64 ? 601 4J2 G CE3 1 
HETATM 475 C CE4 . 4J2 G 1 1 ? -2.839  -0.926  -9.581  1.00 20.64 ? 601 4J2 G CE4 1 
HETATM 476 C C   . 4J2 G 1 1 ? -5.923  0.409   -3.475  1.00 20.64 ? 601 4J2 G C   1 
HETATM 477 O O   . 4J2 G 1 1 ? -6.175  -0.801  -3.403  1.00 20.64 ? 601 4J2 G O   1 
ATOM   478 N N   . CYS G 1 2 ? -4.829  0.962   -2.977  1.00 20.34 ? 602 CYS G N   1 
ATOM   479 C CA  . CYS G 1 2 ? -3.879  0.178   -2.223  1.00 20.34 ? 602 CYS G CA  1 
ATOM   480 C C   . CYS G 1 2 ? -3.874  0.664   -0.784  1.00 20.34 ? 602 CYS G C   1 
ATOM   481 O O   . CYS G 1 2 ? -4.142  1.825   -0.524  1.00 20.34 ? 602 CYS G O   1 
ATOM   482 C CB  . CYS G 1 2 ? -2.481  0.268   -2.841  1.00 20.34 ? 602 CYS G CB  1 
ATOM   483 S SG  . CYS G 1 2 ? -2.403  -0.233  -4.574  1.00 20.34 ? 602 CYS G SG  1 
ATOM   484 N N   . TYR G 1 3 ? -3.614  -0.245  0.145   1.00 20.36 ? 603 TYR G N   1 
ATOM   485 C CA  . TYR G 1 3 ? -3.320  0.109   1.525   1.00 20.36 ? 603 TYR G CA  1 
ATOM   486 C C   . TYR G 1 3 ? -2.531  -1.019  2.137   1.00 20.36 ? 603 TYR G C   1 
ATOM   487 O O   . TYR G 1 3 ? -2.723  -2.163  1.795   1.00 20.36 ? 603 TYR G O   1 
ATOM   488 C CB  . TYR G 1 3 ? -4.588  0.412   2.338   1.00 20.36 ? 603 TYR G CB  1 
ATOM   489 C CG  . TYR G 1 3 ? -5.552  -0.730  2.556   1.00 20.36 ? 603 TYR G CG  1 
ATOM   490 C CD1 . TYR G 1 3 ? -5.364  -1.638  3.587   1.00 20.36 ? 603 TYR G CD1 1 
ATOM   491 C CD2 . TYR G 1 3 ? -6.663  -0.886  1.748   1.00 20.36 ? 603 TYR G CD2 1 
ATOM   492 C CE1 . TYR G 1 3 ? -6.234  -2.661  3.794   1.00 20.36 ? 603 TYR G CE1 1 
ATOM   493 C CE2 . TYR G 1 3 ? -7.540  -1.909  1.949   1.00 20.36 ? 603 TYR G CE2 1 
ATOM   494 C CZ  . TYR G 1 3 ? -7.321  -2.798  2.968   1.00 20.36 ? 603 TYR G CZ  1 
ATOM   495 O OH  . TYR G 1 3 ? -8.210  -3.820  3.155   1.00 20.36 ? 603 TYR G OH  1 
HETATM 496 N N   . DTR G 1 4 ? -1.620  -0.684  3.031   1.00 19.23 ? 604 DTR G N   1 
HETATM 497 C CA  . DTR G 1 4 ? -0.733  -1.673  3.591   1.00 19.23 ? 604 DTR G CA  1 
HETATM 498 C CB  . DTR G 1 4 ? 0.214   -1.028  4.583   1.00 19.23 ? 604 DTR G CB  1 
HETATM 499 C CG  . DTR G 1 4 ? 1.348   -1.893  5.033   1.00 19.23 ? 604 DTR G CG  1 
HETATM 500 C CD1 . DTR G 1 4 ? 2.645   -1.755  4.701   1.00 19.23 ? 604 DTR G CD1 1 
HETATM 501 N NE1 . DTR G 1 4 ? 3.402   -2.716  5.302   1.00 19.23 ? 604 DTR G NE1 1 
HETATM 502 C CE2 . DTR G 1 4 ? 2.587   -3.487  6.082   1.00 19.23 ? 604 DTR G CE2 1 
HETATM 503 C CZ2 . DTR G 1 4 ? 2.884   -4.568  6.899   1.00 19.23 ? 604 DTR G CZ2 1 
HETATM 504 C CH2 . DTR G 1 4 ? 1.848   -5.153  7.566   1.00 19.23 ? 604 DTR G CH2 1 
HETATM 505 C CZ3 . DTR G 1 4 ? 0.542   -4.695  7.428   1.00 19.23 ? 604 DTR G CZ3 1 
HETATM 506 C CE3 . DTR G 1 4 ? 0.246   -3.617  6.638   1.00 19.23 ? 604 DTR G CE3 1 
HETATM 507 C CD2 . DTR G 1 4 ? 1.283   -2.996  5.936   1.00 19.23 ? 604 DTR G CD2 1 
HETATM 508 C C   . DTR G 1 4 ? 0.059   -2.321  2.480   1.00 19.23 ? 604 DTR G C   1 
HETATM 509 O O   . DTR G 1 4 ? 0.883   -1.683  1.850   1.00 19.23 ? 604 DTR G O   1 
ATOM   510 N N   . LYS G 1 5 ? -0.202  -3.597  2.233   1.00 19.53 ? 605 LYS G N   1 
ATOM   511 C CA  . LYS G 1 5 ? 0.559   -4.327  1.243   1.00 19.53 ? 605 LYS G CA  1 
ATOM   512 C C   . LYS G 1 5 ? -0.288  -4.942  0.150   1.00 19.53 ? 605 LYS G C   1 
ATOM   513 O O   . LYS G 1 5 ? 0.217   -5.683  -0.663  1.00 19.53 ? 605 LYS G O   1 
ATOM   514 C CB  . LYS G 1 5 ? 1.385   -5.406  1.919   1.00 19.53 ? 605 LYS G CB  1 
ATOM   515 C CG  . LYS G 1 5 ? 2.657   -4.883  2.516   1.00 19.53 ? 605 LYS G CG  1 
ATOM   516 C CD  . LYS G 1 5 ? 3.452   -5.985  3.132   1.00 19.53 ? 605 LYS G CD  1 
ATOM   517 C CE  . LYS G 1 5 ? 2.615   -6.712  4.164   1.00 19.53 ? 605 LYS G CE  1 
ATOM   518 N NZ  . LYS G 1 5 ? 3.394   -7.686  4.958   1.00 19.53 ? 605 LYS G NZ  1 
ATOM   519 N N   . VAL G 1 6 ? -1.574  -4.623  0.123   1.00 20.52 ? 606 VAL G N   1 
ATOM   520 C CA  . VAL G 1 6 ? -2.502  -5.211  -0.829  1.00 20.52 ? 606 VAL G CA  1 
ATOM   521 C C   . VAL G 1 6 ? -3.165  -4.110  -1.640  1.00 20.52 ? 606 VAL G C   1 
ATOM   522 O O   . VAL G 1 6 ? -3.283  -2.964  -1.202  1.00 20.52 ? 606 VAL G O   1 
ATOM   523 C CB  . VAL G 1 6 ? -3.566  -6.101  -0.130  1.00 20.52 ? 606 VAL G CB  1 
ATOM   524 C CG1 . VAL G 1 6 ? -2.899  -7.080  0.785   1.00 20.52 ? 606 VAL G CG1 1 
ATOM   525 C CG2 . VAL G 1 6 ? -4.584  -5.274  0.641   1.00 20.52 ? 606 VAL G CG2 1 
ATOM   526 N N   . CYS G 1 7 ? -3.572  -4.459  -2.852  1.00 21.60 ? 607 CYS G N   1 
ATOM   527 C CA  . CYS G 1 7 ? -4.344  -3.578  -3.711  1.00 21.60 ? 607 CYS G CA  1 
ATOM   528 C C   . CYS G 1 7 ? -5.586  -4.333  -4.144  1.00 21.60 ? 607 CYS G C   1 
ATOM   529 O O   . CYS G 1 7 ? -5.489  -5.447  -4.659  1.00 21.60 ? 607 CYS G O   1 
ATOM   530 C CB  . CYS G 1 7 ? -3.537  -3.107  -4.935  1.00 21.60 ? 607 CYS G CB  1 
ATOM   531 S SG  . CYS G 1 7 ? -1.972  -2.226  -4.580  1.00 21.60 ? 607 CYS G SG  1 
ATOM   532 N N   . THR G 1 8 ? -6.744  -3.741  -3.919  1.00 22.09 ? 608 THR G N   1 
ATOM   533 C CA  . THR G 1 8 ? -7.996  -4.403  -4.216  1.00 22.09 ? 608 THR G CA  1 
ATOM   534 C C   . THR G 1 8 ? -8.805  -3.553  -5.167  1.00 22.09 ? 608 THR G C   1 
ATOM   535 O O   . THR G 1 8 ? -9.796  -2.949  -4.778  1.00 22.09 ? 608 THR G O   1 
ATOM   536 C CB  . THR G 1 8 ? -8.826  -4.664  -2.951  1.00 22.09 ? 608 THR G CB  1 
ATOM   537 O OG1 . THR G 1 8 ? -9.549  -3.480  -2.609  1.00 22.09 ? 608 THR G OG1 1 
ATOM   538 C CG2 . THR G 1 8 ? -7.930  -5.055  -1.784  1.00 22.09 ? 608 THR G CG2 1 
HETATM 539 N N   . NH2 G 1 9 ? -8.371  -3.507  -6.419  1.00 21.44 ? 609 NH2 G N   1 
HETATM 540 N N   . 4J2 H 1 1 ? -15.890 -14.074 3.444   1.00 24.92 ? 701 4J2 H N   1 
HETATM 541 C CA  . 4J2 H 1 1 ? -15.473 -15.496 3.539   1.00 24.92 ? 701 4J2 H CA  1 
HETATM 542 C CB  . 4J2 H 1 1 ? -16.033 -16.144 4.809   1.00 24.92 ? 701 4J2 H CB  1 
HETATM 543 C CG  . 4J2 H 1 1 ? -15.575 -15.572 6.128   1.00 24.92 ? 701 4J2 H CG  1 
HETATM 544 C CD1 . 4J2 H 1 1 ? -16.150 -14.385 6.627   1.00 24.92 ? 701 4J2 H CD1 1 
HETATM 545 C CD2 . 4J2 H 1 1 ? -14.648 -16.218 6.893   1.00 24.92 ? 701 4J2 H CD2 1 
HETATM 546 C CE1 . 4J2 H 1 1 ? -15.773 -13.867 7.830   1.00 24.92 ? 701 4J2 H CE1 1 
HETATM 547 C CZ1 . 4J2 H 1 1 ? -14.812 -14.521 8.626   1.00 24.92 ? 701 4J2 H CZ1 1 
HETATM 548 C CZ2 . 4J2 H 1 1 ? -14.401 -14.024 9.891   1.00 24.92 ? 701 4J2 H CZ2 1 
HETATM 549 C CZ3 . 4J2 H 1 1 ? -13.482 -14.691 10.637  1.00 24.92 ? 701 4J2 H CZ3 1 
HETATM 550 C CE2 . 4J2 H 1 1 ? -14.237 -15.721 8.148   1.00 24.92 ? 701 4J2 H CE2 1 
HETATM 551 C CE3 . 4J2 H 1 1 ? -13.272 -16.376 8.948   1.00 24.92 ? 701 4J2 H CE3 1 
HETATM 552 C CE4 . 4J2 H 1 1 ? -12.909 -15.879 10.158  1.00 24.92 ? 701 4J2 H CE4 1 
HETATM 553 C C   . 4J2 H 1 1 ? -13.951 -15.593 3.407   1.00 24.92 ? 701 4J2 H C   1 
HETATM 554 O O   . 4J2 H 1 1 ? -13.297 -14.541 3.434   1.00 24.92 ? 701 4J2 H O   1 
ATOM   555 N N   . CYS H 1 2 ? -13.407 -16.791 3.271   1.00 22.92 ? 702 CYS H N   1 
ATOM   556 C CA  . CYS H 1 2 ? -11.994 -16.937 2.979   1.00 22.92 ? 702 CYS H CA  1 
ATOM   557 C C   . CYS H 1 2 ? -11.816 -17.501 1.572   1.00 22.92 ? 702 CYS H C   1 
ATOM   558 O O   . CYS H 1 2 ? -12.675 -18.212 1.077   1.00 22.92 ? 702 CYS H O   1 
ATOM   559 C CB  . CYS H 1 2 ? -11.315 -17.836 4.020   1.00 22.92 ? 702 CYS H CB  1 
ATOM   560 S SG  . CYS H 1 2 ? -11.573 -17.342 5.736   1.00 22.92 ? 702 CYS H SG  1 
ATOM   561 N N   . TYR H 1 3 ? -10.728 -17.123 0.916   1.00 20.43 ? 703 TYR H N   1 
ATOM   562 C CA  . TYR H 1 3 ? -10.249 -17.799 -0.283  1.00 20.43 ? 703 TYR H CA  1 
ATOM   563 C C   . TYR H 1 3 ? -8.754  -17.633 -0.349  1.00 20.43 ? 703 TYR H C   1 
ATOM   564 O O   . TYR H 1 3 ? -8.228  -16.651 0.115   1.00 20.43 ? 703 TYR H O   1 
ATOM   565 C CB  . TYR H 1 3 ? -10.914 -17.281 -1.564  1.00 20.43 ? 703 TYR H CB  1 
ATOM   566 C CG  . TYR H 1 3 ? -10.699 -15.828 -1.894  1.00 20.43 ? 703 TYR H CG  1 
ATOM   567 C CD1 . TYR H 1 3 ? -9.584  -15.409 -2.609  1.00 20.43 ? 703 TYR H CD1 1 
ATOM   568 C CD2 . TYR H 1 3 ? -11.623 -14.876 -1.515  1.00 20.43 ? 703 TYR H CD2 1 
ATOM   569 C CE1 . TYR H 1 3 ? -9.393  -14.092 -2.908  1.00 20.43 ? 703 TYR H CE1 1 
ATOM   570 C CE2 . TYR H 1 3 ? -11.443 -13.564 -1.818  1.00 20.43 ? 703 TYR H CE2 1 
ATOM   571 C CZ  . TYR H 1 3 ? -10.327 -13.171 -2.512  1.00 20.43 ? 703 TYR H CZ  1 
ATOM   572 O OH  . TYR H 1 3 ? -10.150 -11.847 -2.805  1.00 20.43 ? 703 TYR H OH  1 
HETATM 573 N N   . DTR H 1 4 ? -8.066  -18.604 -0.914  1.00 19.53 ? 704 DTR H N   1 
HETATM 574 C CA  . DTR H 1 4 ? -6.619  -18.581 -0.938  1.00 19.53 ? 704 DTR H CA  1 
HETATM 575 C CB  . DTR H 1 4 ? -6.075  -19.797 -1.676  1.00 19.53 ? 704 DTR H CB  1 
HETATM 576 C CG  . DTR H 1 4 ? -4.613  -20.044 -1.502  1.00 19.53 ? 704 DTR H CG  1 
HETATM 577 C CD1 . DTR H 1 4 ? -4.043  -20.970 -0.706  1.00 19.53 ? 704 DTR H CD1 1 
HETATM 578 N NE1 . DTR H 1 4 ? -2.685  -20.919 -0.807  1.00 19.53 ? 704 DTR H NE1 1 
HETATM 579 C CE2 . DTR H 1 4 ? -2.347  -19.938 -1.697  1.00 19.53 ? 704 DTR H CE2 1 
HETATM 580 C CZ2 . DTR H 1 4 ? -1.102  -19.511 -2.131  1.00 19.53 ? 704 DTR H CZ2 1 
HETATM 581 C CH2 . DTR H 1 4 ? -1.069  -18.480 -3.018  1.00 19.53 ? 704 DTR H CH2 1 
HETATM 582 C CZ3 . DTR H 1 4 ? -2.238  -17.884 -3.491  1.00 19.53 ? 704 DTR H CZ3 1 
HETATM 583 C CE3 . DTR H 1 4 ? -3.469  -18.315 -3.080  1.00 19.53 ? 704 DTR H CE3 1 
HETATM 584 C CD2 . DTR H 1 4 ? -3.539  -19.362 -2.155  1.00 19.53 ? 704 DTR H CD2 1 
HETATM 585 C C   . DTR H 1 4 ? -6.026  -18.508 0.462   1.00 19.53 ? 704 DTR H C   1 
HETATM 586 O O   . DTR H 1 4 ? -6.101  -19.455 1.226   1.00 19.53 ? 704 DTR H O   1 
ATOM   587 N N   . LYS H 1 5 ? -5.422  -17.372 0.776   1.00 19.98 ? 705 LYS H N   1 
ATOM   588 C CA  . LYS H 1 5 ? -4.782  -17.152 2.058   1.00 19.98 ? 705 LYS H CA  1 
ATOM   589 C C   . LYS H 1 5 ? -5.290  -15.909 2.754   1.00 19.98 ? 705 LYS H C   1 
ATOM   590 O O   . LYS H 1 5 ? -4.600  -15.352 3.583   1.00 19.98 ? 705 LYS H O   1 
ATOM   591 C CB  . LYS H 1 5 ? -3.278  -17.030 1.890   1.00 19.98 ? 705 LYS H CB  1 
ATOM   592 C CG  . LYS H 1 5 ? -2.531  -18.314 1.864   1.00 19.98 ? 705 LYS H CG  1 
ATOM   593 C CD  . LYS H 1 5 ? -1.073  -18.077 1.621   1.00 19.98 ? 705 LYS H CD  1 
ATOM   594 C CE  . LYS H 1 5 ? -0.873  -17.227 0.383   1.00 19.98 ? 705 LYS H CE  1 
ATOM   595 N NZ  . LYS H 1 5 ? 0.557   -17.073 0.021   1.00 19.98 ? 705 LYS H NZ  1 
ATOM   596 N N   . VAL H 1 6 ? -6.480  -15.455 2.403   1.00 21.30 ? 706 VAL H N   1 
ATOM   597 C CA  . VAL H 1 6 ? -7.035  -14.236 2.965   1.00 21.30 ? 706 VAL H CA  1 
ATOM   598 C C   . VAL H 1 6 ? -8.466  -14.506 3.388   1.00 21.30 ? 706 VAL H C   1 
ATOM   599 O O   . VAL H 1 6 ? -9.184  -15.270 2.739   1.00 21.30 ? 706 VAL H O   1 
ATOM   600 C CB  . VAL H 1 6 ? -6.978  -13.037 1.978   1.00 21.30 ? 706 VAL H CB  1 
ATOM   601 C CG1 . VAL H 1 6 ? -5.560  -12.703 1.612   1.00 21.30 ? 706 VAL H CG1 1 
ATOM   602 C CG2 . VAL H 1 6 ? -7.814  -13.281 0.723   1.00 21.30 ? 706 VAL H CG2 1 
ATOM   603 N N   . CYS H 1 7 ? -8.874  -13.886 4.481   1.00 23.64 ? 707 CYS H N   1 
ATOM   604 C CA  . CYS H 1 7 ? -10.266 -13.824 4.879   1.00 23.64 ? 707 CYS H CA  1 
ATOM   605 C C   . CYS H 1 7 ? -10.665 -12.360 4.908   1.00 23.64 ? 707 CYS H C   1 
ATOM   606 O O   . CYS H 1 7 ? -9.912  -11.518 5.397   1.00 23.64 ? 707 CYS H O   1 
ATOM   607 C CB  . CYS H 1 7 ? -10.491 -14.498 6.239   1.00 23.64 ? 707 CYS H CB  1 
ATOM   608 S SG  . CYS H 1 7 ? -9.959  -16.237 6.302   1.00 23.64 ? 707 CYS H SG  1 
ATOM   609 N N   . THR H 1 8 ? -11.818 -12.059 4.338   1.00 24.89 ? 708 THR H N   1 
ATOM   610 C CA  . THR H 1 8 ? -12.291 -10.695 4.256   1.00 24.89 ? 708 THR H CA  1 
ATOM   611 C C   . THR H 1 8 ? -13.722 -10.638 4.732   1.00 24.89 ? 708 THR H C   1 
ATOM   612 O O   . THR H 1 8 ? -14.637 -10.464 3.937   1.00 24.89 ? 708 THR H O   1 
ATOM   613 C CB  . THR H 1 8 ? -12.223 -10.129 2.821   1.00 24.89 ? 708 THR H CB  1 
ATOM   614 O OG1 . THR H 1 8 ? -13.235 -10.741 2.019   1.00 24.89 ? 708 THR H OG1 1 
ATOM   615 C CG2 . THR H 1 8 ? -10.861 -10.375 2.189   1.00 24.89 ? 708 THR H CG2 1 
HETATM 616 N N   . NH2 H 1 9 ? -13.910 -10.786 6.037   1.00 25.78 ? 709 NH2 H N   1 
# 
